data_7G7F
#
_entry.id   7G7F
#
_cell.length_a   84.009
_cell.length_b   91.379
_cell.length_c   119.499
_cell.angle_alpha   90.000
_cell.angle_beta   90.000
_cell.angle_gamma   90.000
#
_symmetry.space_group_name_H-M   'P 21 21 21'
#
loop_
_entity.id
_entity.type
_entity.pdbx_description
1 polymer 'Isoform 2 of Ectonucleotide pyrophosphatase/phosphodiesterase family member 2'
2 branched alpha-D-mannopyranose-(1-2)-alpha-D-mannopyranose-(1-3)-alpha-D-mannopyranose-(1-6)-[alpha-D-mannopyranose-(1-2)-alpha-D-mannopyranose-(1-3)]beta-D-mannopyranose-(1-4)-2-acetamido-2-deoxy-beta-D-glucopyranose-(1-4)-2-acetamido-2-deoxy-beta-D-glucopyranose
3 non-polymer [(3aR,8aS)-2-(1H-benzotriazole-5-carbonyl)octahydropyrrolo[3,4-d]azepin-6(1H)-yl]{2-cyclopropyl-6-[(oxan-4-yl)methoxy]pyridin-4-yl}methanone
4 non-polymer 'POTASSIUM ION'
5 non-polymer 'ACETATE ION'
6 non-polymer 'ZINC ION'
7 non-polymer 'SODIUM ION'
8 non-polymer 'CALCIUM ION'
9 water water
#
_entity_poly.entity_id   1
_entity_poly.type   'polypeptide(L)'
_entity_poly.pdbx_seq_one_letter_code
;FTASRIKRAEWDEGPPTVLSDSPWTATSGSCKGRCFELQEVGPPDCRCDNLCKSYSSCCHDFDELCLKTARGWECTKDRC
GEVRNEENACHCSEDCLSRGDCCTNYQVVCKGESHWVDDDCEEIKVPECPAGFVRPPLIIFSVDGFRASYMKKGSKVMPN
IEKLRSCGTHAPYMRPVYPTKTFPNLYTLATGLYPESHGIVGNSMYDPVFDASFHLRGREKFNHRWWGGQPLWITATKQG
VRAGTFFWSVSIPHERRILTILQWLSLPDNERPSVYAFYSEQPDFSGHKYGPFGPEMTNPLREIDKTVGQLMDGLKQLRL
HRCVNVIFVGDHGMEDVTCDRTEFLSNYLTNVDDITLVPGTLGRIRAKSINNSKYDPKTIIAALTCKKPDQHFKPYMKQH
LPKRLHYANNRRIEDIHLLVDRRWHVARKPLDVYKKPSGKCFFQGDHGFDNKVNSMQTVFVGYGPTFKYRTKVPPFENIE
LYNVMCDLLGLKPAPNNGTHGSLNHLLRTNTFRPTMPDEVSRPNYPGIMYLQSEFDLGCTCDDKVEPKNKLEELNKRLHT
KGSTKERHLLYGRPAVLYRTSYDILYHTDFESGYSEIFLMPLWTSYTISKQAEVSSIPEHLTNCVRPDVRVSPGFSQNCL
AYKNDKQMSYGFLFPPYLSSSPEAKYDAFLVTNMVPMYPAFKRVWAYFQRVLVKKYASERNGVNVISGPIFDYNYDGLRD
TEDEIKQYVEGSSIPVPTHYYSIITSCLDFTQPADKCDGPLSVSSFILPHRPDNDESCNSSEDESKWVEELMKMHTARVR
DIEHLTGLDFYRKTSRSYSEILTLKTYLHTYESEIGGRHHHHHHHH
;
_entity_poly.pdbx_strand_id   A
#
loop_
_chem_comp.id
_chem_comp.type
_chem_comp.name
_chem_comp.formula
ACT non-polymer 'ACETATE ION' 'C2 H3 O2 -1'
BMA D-saccharide, beta linking beta-D-mannopyranose 'C6 H12 O6'
CA non-polymer 'CALCIUM ION' 'Ca 2'
K non-polymer 'POTASSIUM ION' 'K 1'
MAN D-saccharide, alpha linking alpha-D-mannopyranose 'C6 H12 O6'
NA non-polymer 'SODIUM ION' 'Na 1'
NAG D-saccharide, beta linking 2-acetamido-2-deoxy-beta-D-glucopyranose 'C8 H15 N O6'
Y1F non-polymer [(3aR,8aS)-2-(1H-benzotriazole-5-carbonyl)octahydropyrrolo[3,4-d]azepin-6(1H)-yl]{2-cyclopropyl-6-[(oxan-4-yl)methoxy]pyridin-4-yl}methanone 'C30 H36 N6 O4'
ZN non-polymer 'ZINC ION' 'Zn 2'
#
# COMPACT_ATOMS: atom_id res chain seq x y z
N TRP A 24 28.10 19.79 -22.28
CA TRP A 24 28.73 21.14 -22.20
C TRP A 24 27.79 22.22 -21.68
N THR A 25 28.32 23.05 -20.76
CA THR A 25 27.62 24.24 -20.26
C THR A 25 28.41 25.53 -20.56
N ALA A 26 27.79 26.41 -21.34
CA ALA A 26 28.31 27.75 -21.62
C ALA A 26 27.83 28.69 -20.51
N THR A 27 28.49 28.60 -19.34
CA THR A 27 28.01 29.27 -18.08
C THR A 27 28.07 30.83 -18.13
N SER A 28 28.33 31.36 -19.34
CA SER A 28 28.49 32.80 -19.70
C SER A 28 27.25 33.73 -19.57
N GLY A 29 26.04 33.21 -19.84
CA GLY A 29 24.81 34.00 -19.67
C GLY A 29 24.53 34.45 -18.24
N SER A 30 23.42 35.15 -18.02
CA SER A 30 23.13 35.75 -16.72
C SER A 30 21.75 35.38 -16.10
N CYS A 31 21.73 35.31 -14.78
CA CYS A 31 20.52 35.00 -14.03
C CYS A 31 19.69 36.23 -13.69
N LYS A 32 20.13 37.44 -14.08
CA LYS A 32 19.39 38.67 -13.72
C LYS A 32 17.93 38.65 -14.23
N GLY A 33 17.00 38.91 -13.32
CA GLY A 33 15.57 38.76 -13.58
C GLY A 33 15.05 37.34 -13.88
N ARG A 34 15.92 36.33 -13.80
CA ARG A 34 15.57 34.92 -14.07
C ARG A 34 15.66 34.04 -12.82
N CYS A 35 15.81 34.63 -11.64
CA CYS A 35 16.13 33.86 -10.44
C CYS A 35 14.93 32.94 -10.16
N PHE A 36 15.17 31.63 -10.14
CA PHE A 36 14.11 30.62 -9.91
C PHE A 36 12.99 30.66 -10.94
N GLU A 37 13.43 30.86 -12.18
CA GLU A 37 12.63 30.66 -13.41
C GLU A 37 11.91 29.29 -13.46
N LEU A 38 10.71 29.31 -14.00
CA LEU A 38 9.80 28.17 -13.94
C LEU A 38 9.89 27.16 -15.08
N GLN A 39 10.28 27.60 -16.28
CA GLN A 39 10.59 26.69 -17.39
C GLN A 39 12.09 26.49 -17.45
N GLU A 40 12.48 25.24 -17.65
CA GLU A 40 13.87 24.87 -17.79
C GLU A 40 14.36 25.28 -19.19
N VAL A 41 15.58 25.79 -19.30
CA VAL A 41 16.15 26.12 -20.63
C VAL A 41 17.26 25.13 -21.05
N GLY A 42 17.29 24.83 -22.36
CA GLY A 42 18.13 23.77 -22.94
C GLY A 42 19.61 24.10 -23.08
N PRO A 43 20.50 23.25 -22.51
CA PRO A 43 21.98 23.29 -22.74
C PRO A 43 22.41 23.49 -24.22
N PRO A 44 23.53 24.20 -24.48
CA PRO A 44 24.43 24.73 -23.42
C PRO A 44 24.11 26.11 -22.79
N ASP A 45 22.91 26.70 -23.05
CA ASP A 45 22.47 27.97 -22.39
C ASP A 45 22.33 27.75 -20.88
N CYS A 46 22.91 28.64 -20.09
CA CYS A 46 22.96 28.42 -18.63
C CYS A 46 21.59 28.58 -17.96
N ARG A 47 21.44 27.88 -16.83
CA ARG A 47 20.17 27.72 -16.14
C ARG A 47 20.11 28.54 -14.83
N CYS A 48 18.89 28.97 -14.47
CA CYS A 48 18.65 29.70 -13.21
C CYS A 48 17.49 29.10 -12.37
N ASP A 49 17.10 27.87 -12.67
CA ASP A 49 16.05 27.15 -11.95
C ASP A 49 16.60 26.48 -10.68
N ASN A 50 15.70 26.09 -9.79
CA ASN A 50 16.08 25.51 -8.50
C ASN A 50 16.84 24.18 -8.54
N LEU A 51 16.87 23.52 -9.69
CA LEU A 51 17.73 22.34 -9.92
C LEU A 51 19.12 22.53 -10.60
N CYS A 52 19.44 23.75 -11.02
CA CYS A 52 20.67 23.97 -11.83
C CYS A 52 21.99 23.48 -11.18
N LYS A 53 22.16 23.74 -9.88
CA LYS A 53 23.33 23.25 -9.12
C LYS A 53 23.58 21.75 -9.32
N SER A 54 22.50 20.95 -9.27
CA SER A 54 22.55 19.47 -9.36
C SER A 54 23.01 18.93 -10.72
N TYR A 55 22.98 19.80 -11.74
CA TYR A 55 23.44 19.49 -13.10
C TYR A 55 24.73 20.25 -13.47
N SER A 56 25.33 20.97 -12.49
CA SER A 56 26.47 21.90 -12.73
C SER A 56 26.16 22.88 -13.87
N SER A 57 24.96 23.46 -13.86
CA SER A 57 24.48 24.17 -15.05
C SER A 57 24.00 25.61 -14.79
N CYS A 58 24.28 26.11 -13.59
CA CYS A 58 23.90 27.47 -13.21
C CYS A 58 24.78 28.47 -13.96
N CYS A 59 24.23 29.64 -14.27
CA CYS A 59 25.03 30.79 -14.72
C CYS A 59 25.97 31.22 -13.60
N HIS A 60 27.08 31.84 -14.01
CA HIS A 60 28.14 32.33 -13.12
C HIS A 60 27.63 33.14 -11.92
N ASP A 61 26.51 33.86 -12.11
CA ASP A 61 26.00 34.84 -11.14
C ASP A 61 24.84 34.36 -10.26
N PHE A 62 24.47 33.09 -10.45
CA PHE A 62 23.38 32.45 -9.71
C PHE A 62 23.47 32.68 -8.21
N ASP A 63 24.61 32.34 -7.59
CA ASP A 63 24.78 32.52 -6.12
C ASP A 63 24.59 33.97 -5.68
N GLU A 64 25.21 34.88 -6.44
CA GLU A 64 25.19 36.30 -6.06
C GLU A 64 23.76 36.86 -6.17
N LEU A 65 23.12 36.55 -7.31
CA LEU A 65 21.81 37.10 -7.62
C LEU A 65 20.65 36.36 -6.96
N CYS A 66 20.65 35.04 -7.06
CA CYS A 66 19.57 34.17 -6.57
C CYS A 66 19.69 33.67 -5.13
N LEU A 67 20.92 33.47 -4.64
CA LEU A 67 21.13 32.86 -3.31
C LEU A 67 21.64 33.85 -2.26
N LYS A 68 20.99 35.01 -2.21
CA LYS A 68 21.36 36.09 -1.28
C LYS A 68 21.19 35.66 0.15
N THR A 69 22.09 36.12 1.02
CA THR A 69 22.03 35.77 2.47
C THR A 69 22.14 36.96 3.44
N ALA A 70 22.68 38.07 2.96
CA ALA A 70 22.91 39.27 3.76
C ALA A 70 21.76 39.57 4.71
N ARG A 71 22.09 39.70 6.01
CA ARG A 71 21.19 40.11 7.12
C ARG A 71 20.29 39.01 7.67
N GLY A 72 20.42 37.81 7.10
CA GLY A 72 19.65 36.64 7.59
C GLY A 72 18.20 36.59 7.11
N TRP A 73 17.33 36.00 7.93
CA TRP A 73 16.04 35.53 7.46
C TRP A 73 14.86 36.14 8.18
N GLU A 74 15.14 37.10 9.04
CA GLU A 74 14.13 37.70 9.89
C GLU A 74 14.30 39.22 9.97
N CYS A 75 13.20 39.95 9.87
CA CYS A 75 13.19 41.36 10.24
C CYS A 75 13.46 41.51 11.73
N THR A 76 14.10 42.63 12.08
CA THR A 76 14.27 43.08 13.48
C THR A 76 13.67 44.48 13.56
N LYS A 77 13.42 44.96 14.78
CA LYS A 77 12.78 46.27 15.06
C LYS A 77 13.31 47.46 14.26
N ASP A 78 14.62 47.51 14.10
CA ASP A 78 15.31 48.62 13.42
C ASP A 78 15.43 48.46 11.89
N ARG A 79 15.11 47.28 11.36
CA ARG A 79 15.07 47.11 9.91
C ARG A 79 13.73 47.59 9.35
N CYS A 80 12.78 47.87 10.25
CA CYS A 80 11.40 48.24 9.89
C CYS A 80 11.34 49.55 9.15
N GLY A 81 10.71 49.53 7.98
CA GLY A 81 10.62 50.71 7.12
C GLY A 81 11.93 51.16 6.49
N GLU A 82 12.98 50.32 6.58
CA GLU A 82 14.28 50.53 5.95
C GLU A 82 14.14 50.87 4.47
N VAL A 83 15.23 51.34 3.87
CA VAL A 83 15.22 51.57 2.44
C VAL A 83 15.70 50.30 1.78
N ARG A 84 14.95 49.89 0.76
CA ARG A 84 15.24 48.68 -0.01
C ARG A 84 16.73 48.59 -0.36
N ASN A 85 17.41 47.65 0.28
CA ASN A 85 18.71 47.19 -0.17
C ASN A 85 18.54 45.82 -0.84
N GLU A 86 18.65 45.80 -2.16
CA GLU A 86 18.51 44.57 -2.97
C GLU A 86 19.49 43.43 -2.60
N GLU A 87 20.51 43.74 -1.82
CA GLU A 87 21.48 42.73 -1.39
C GLU A 87 21.02 41.81 -0.25
N ASN A 88 20.03 42.27 0.51
CA ASN A 88 19.47 41.48 1.62
C ASN A 88 18.80 40.20 1.12
N ALA A 89 18.81 39.18 1.96
CA ALA A 89 18.14 37.91 1.67
C ALA A 89 16.64 38.13 1.58
N CYS A 90 16.10 38.96 2.45
CA CYS A 90 14.67 39.32 2.41
C CYS A 90 14.45 40.71 2.98
N HIS A 91 13.30 41.31 2.67
CA HIS A 91 13.16 42.77 2.86
C HIS A 91 12.23 43.18 3.98
N CYS A 92 12.51 44.33 4.57
CA CYS A 92 11.68 44.87 5.65
C CYS A 92 11.21 46.27 5.27
N SER A 93 11.55 46.66 4.04
CA SER A 93 11.09 47.90 3.42
C SER A 93 9.57 47.91 3.18
N GLU A 94 9.01 49.11 3.01
CA GLU A 94 7.56 49.31 2.81
C GLU A 94 7.00 48.63 1.58
N ASP A 95 7.76 48.63 0.48
CA ASP A 95 7.30 48.05 -0.77
C ASP A 95 7.33 46.50 -0.81
N CYS A 96 8.03 45.88 0.16
CA CYS A 96 8.24 44.42 0.17
C CYS A 96 6.96 43.61 -0.09
N LEU A 97 5.87 43.96 0.62
CA LEU A 97 4.56 43.31 0.42
C LEU A 97 4.13 43.14 -1.04
N SER A 98 4.06 44.25 -1.78
CA SER A 98 3.65 44.27 -3.22
C SER A 98 4.71 43.70 -4.17
N ARG A 99 5.98 43.74 -3.76
CA ARG A 99 7.07 43.01 -4.39
C ARG A 99 7.02 41.51 -4.04
N GLY A 100 6.28 41.16 -2.98
CA GLY A 100 6.18 39.77 -2.45
C GLY A 100 7.49 39.16 -1.95
N ASP A 101 8.35 39.97 -1.31
CA ASP A 101 9.66 39.50 -0.87
C ASP A 101 10.07 39.98 0.53
N CYS A 102 9.10 40.26 1.38
CA CYS A 102 9.36 40.44 2.82
C CYS A 102 9.96 39.19 3.48
N CYS A 103 10.71 39.38 4.57
CA CYS A 103 11.00 38.28 5.48
C CYS A 103 9.67 37.84 6.03
N THR A 104 9.57 36.56 6.34
CA THR A 104 8.28 35.98 6.65
C THR A 104 7.72 36.54 7.95
N ASN A 105 8.59 37.14 8.78
CA ASN A 105 8.15 37.68 10.09
C ASN A 105 7.90 39.22 10.08
N TYR A 106 8.02 39.80 8.90
CA TYR A 106 7.86 41.25 8.68
C TYR A 106 6.66 41.91 9.33
N GLN A 107 5.43 41.49 9.00
CA GLN A 107 4.22 42.06 9.60
CA GLN A 107 4.24 42.09 9.59
C GLN A 107 4.17 41.83 11.11
N VAL A 108 4.89 40.82 11.59
CA VAL A 108 4.90 40.56 13.03
C VAL A 108 5.77 41.60 13.76
N VAL A 109 7.01 41.75 13.28
CA VAL A 109 7.99 42.66 13.86
C VAL A 109 7.59 44.12 13.64
N CYS A 110 7.25 44.46 12.38
CA CYS A 110 7.03 45.82 11.93
C CYS A 110 5.59 46.35 11.90
N LYS A 111 4.58 45.49 11.86
CA LYS A 111 3.18 45.97 11.77
C LYS A 111 2.33 45.50 12.93
N GLY A 112 2.96 45.03 14.01
CA GLY A 112 2.26 44.52 15.19
C GLY A 112 1.38 43.28 15.01
N GLU A 113 1.60 42.53 13.94
CA GLU A 113 0.79 41.32 13.68
C GLU A 113 1.22 40.12 14.53
N SER A 114 0.33 39.15 14.73
CA SER A 114 0.72 37.89 15.43
C SER A 114 1.21 36.79 14.46
N HIS A 115 2.06 35.92 14.99
CA HIS A 115 2.43 34.69 14.31
C HIS A 115 1.20 33.85 14.06
N TRP A 116 1.16 33.18 12.91
CA TRP A 116 0.06 32.29 12.55
C TRP A 116 -0.24 31.29 13.67
N VAL A 117 0.81 30.73 14.30
CA VAL A 117 0.68 29.70 15.34
C VAL A 117 -0.05 30.20 16.59
N ASP A 118 -0.03 31.53 16.83
CA ASP A 118 -0.63 32.14 18.03
C ASP A 118 -2.11 32.51 17.89
N ASP A 119 -2.63 32.38 16.68
CA ASP A 119 -4.02 32.66 16.34
C ASP A 119 -4.80 31.40 16.62
N ASP A 120 -6.00 31.59 17.16
CA ASP A 120 -6.95 30.53 17.39
C ASP A 120 -7.29 29.87 16.05
N CYS A 121 -7.55 28.57 15.99
CA CYS A 121 -8.02 28.14 14.68
C CYS A 121 -9.48 28.39 14.47
N GLU A 122 -9.82 28.63 13.21
CA GLU A 122 -11.17 29.01 12.82
C GLU A 122 -11.37 28.21 11.60
N GLU A 123 -12.47 27.47 11.57
CA GLU A 123 -12.88 26.67 10.42
C GLU A 123 -12.73 27.46 9.09
N ILE A 124 -12.16 26.83 8.07
CA ILE A 124 -12.09 27.46 6.76
C ILE A 124 -13.21 26.81 5.93
N LYS A 125 -14.41 27.37 5.97
CA LYS A 125 -15.54 26.80 5.24
C LYS A 125 -15.45 26.98 3.74
N VAL A 126 -14.85 28.08 3.28
CA VAL A 126 -14.69 28.33 1.85
C VAL A 126 -13.28 28.89 1.60
N PRO A 127 -12.72 28.69 0.39
CA PRO A 127 -11.45 29.39 0.08
C PRO A 127 -11.60 30.89 0.17
N GLU A 128 -10.74 31.51 0.97
CA GLU A 128 -10.69 32.96 1.13
C GLU A 128 -9.43 33.46 0.40
N CYS A 129 -9.56 33.59 -0.91
CA CYS A 129 -8.42 33.83 -1.82
C CYS A 129 -8.41 35.25 -2.43
N PRO A 130 -7.23 35.84 -2.66
CA PRO A 130 -7.15 37.05 -3.50
C PRO A 130 -7.82 36.91 -4.88
N ALA A 131 -8.31 38.04 -5.39
CA ALA A 131 -8.95 38.08 -6.69
C ALA A 131 -7.95 37.61 -7.75
N GLY A 132 -8.46 36.85 -8.71
CA GLY A 132 -7.59 36.29 -9.72
C GLY A 132 -7.16 34.85 -9.47
N PHE A 133 -7.30 34.36 -8.24
CA PHE A 133 -7.02 32.92 -7.97
C PHE A 133 -8.16 32.04 -8.53
N VAL A 134 -7.86 31.16 -9.50
CA VAL A 134 -8.91 30.27 -10.11
C VAL A 134 -9.29 29.01 -9.29
N ARG A 135 -8.37 28.57 -8.43
CA ARG A 135 -8.53 27.41 -7.53
C ARG A 135 -7.66 27.65 -6.30
N PRO A 136 -7.98 27.06 -5.14
CA PRO A 136 -7.02 27.08 -4.00
C PRO A 136 -5.66 26.46 -4.38
N PRO A 137 -4.55 27.15 -4.11
CA PRO A 137 -3.29 26.46 -4.44
C PRO A 137 -3.03 25.26 -3.51
N LEU A 138 -2.19 24.32 -3.96
CA LEU A 138 -1.76 23.20 -3.12
C LEU A 138 -0.25 23.28 -2.83
N ILE A 139 0.09 23.18 -1.55
CA ILE A 139 1.49 23.11 -1.13
C ILE A 139 1.75 21.79 -0.43
N ILE A 140 2.67 21.02 -0.99
CA ILE A 140 3.00 19.72 -0.45
C ILE A 140 4.34 19.80 0.31
N PHE A 141 4.29 19.69 1.62
CA PHE A 141 5.46 19.84 2.46
C PHE A 141 5.88 18.43 2.88
N SER A 142 6.91 17.88 2.26
CA SER A 142 7.26 16.50 2.54
C SER A 142 8.51 16.44 3.40
N VAL A 143 8.49 15.53 4.39
CA VAL A 143 9.57 15.43 5.37
C VAL A 143 10.10 14.00 5.33
N ASP A 144 11.37 13.86 4.97
CA ASP A 144 12.03 12.55 4.90
C ASP A 144 12.20 11.98 6.31
N GLY A 145 11.87 10.70 6.46
CA GLY A 145 12.13 9.98 7.72
C GLY A 145 11.28 10.41 8.91
N PHE A 146 10.18 11.11 8.67
CA PHE A 146 9.31 11.57 9.75
C PHE A 146 8.40 10.42 10.17
N ARG A 147 8.88 9.71 11.17
CA ARG A 147 8.14 8.65 11.82
C ARG A 147 6.85 9.14 12.44
N ALA A 148 5.80 8.35 12.29
CA ALA A 148 4.45 8.71 12.77
C ALA A 148 4.43 9.11 14.23
N SER A 149 5.17 8.42 15.09
CA SER A 149 5.05 8.75 16.52
C SER A 149 5.70 10.08 16.91
N TYR A 150 6.52 10.68 16.01
CA TYR A 150 6.98 12.07 16.28
C TYR A 150 5.85 13.04 16.52
N MET A 151 4.67 12.81 15.90
CA MET A 151 3.54 13.74 16.16
C MET A 151 3.19 13.86 17.65
N LYS A 152 3.24 12.74 18.35
CA LYS A 152 2.91 12.75 19.79
C LYS A 152 4.14 13.07 20.62
N LYS A 153 5.25 12.37 20.32
CA LYS A 153 6.44 12.44 21.17
C LYS A 153 7.21 13.75 21.04
N GLY A 154 7.07 14.42 19.91
CA GLY A 154 7.74 15.71 19.74
C GLY A 154 6.79 16.89 19.76
N SER A 155 5.56 16.68 20.26
CA SER A 155 4.52 17.69 20.17
C SER A 155 4.87 19.01 20.85
N LYS A 156 5.70 18.98 21.91
CA LYS A 156 6.07 20.20 22.65
C LYS A 156 7.03 21.07 21.90
N VAL A 157 7.69 20.51 20.91
CA VAL A 157 8.69 21.27 20.23
C VAL A 157 8.26 21.59 18.80
N MET A 158 7.04 21.21 18.43
CA MET A 158 6.56 21.46 17.08
C MET A 158 5.18 22.15 17.13
N PRO A 159 5.14 23.41 17.63
CA PRO A 159 3.79 23.98 17.81
C PRO A 159 3.05 24.30 16.50
N ASN A 160 3.76 24.67 15.41
CA ASN A 160 3.11 24.97 14.11
C ASN A 160 2.53 23.70 13.50
N ILE A 161 3.32 22.62 13.59
CA ILE A 161 2.91 21.34 13.04
C ILE A 161 1.72 20.80 13.81
N GLU A 162 1.72 21.01 15.15
CA GLU A 162 0.62 20.55 15.96
C GLU A 162 -0.66 21.33 15.72
N LYS A 163 -0.52 22.62 15.40
CA LYS A 163 -1.70 23.41 14.99
C LYS A 163 -2.27 22.93 13.64
N LEU A 164 -1.42 22.68 12.64
CA LEU A 164 -1.93 22.08 11.39
C LEU A 164 -2.68 20.77 11.64
N ARG A 165 -2.01 19.90 12.40
CA ARG A 165 -2.57 18.60 12.76
C ARG A 165 -3.89 18.68 13.52
N SER A 166 -3.94 19.46 14.57
CA SER A 166 -5.18 19.48 15.36
C SER A 166 -6.28 20.31 14.69
N CYS A 167 -5.94 21.29 13.85
CA CYS A 167 -7.00 22.10 13.24
C CYS A 167 -7.49 21.56 11.89
N GLY A 168 -6.63 20.81 11.20
CA GLY A 168 -6.94 20.27 9.92
C GLY A 168 -7.46 18.86 10.03
N THR A 169 -7.11 18.06 9.02
CA THR A 169 -7.46 16.67 8.96
C THR A 169 -6.17 15.87 9.17
N HIS A 170 -6.18 14.85 10.02
CA HIS A 170 -4.97 14.04 10.18
C HIS A 170 -5.30 12.54 10.36
N ALA A 171 -4.36 11.70 9.99
CA ALA A 171 -4.40 10.30 10.27
C ALA A 171 -3.42 10.07 11.41
N PRO A 172 -3.66 9.05 12.26
CA PRO A 172 -2.66 8.73 13.32
C PRO A 172 -1.36 8.23 12.71
N TYR A 173 -1.44 7.63 11.51
CA TYR A 173 -0.24 7.41 10.71
C TYR A 173 -0.63 7.09 9.29
N MET A 174 0.38 7.08 8.43
CA MET A 174 0.17 6.72 7.05
C MET A 174 1.13 5.61 6.68
N ARG A 175 0.64 4.60 5.97
CA ARG A 175 1.46 3.46 5.54
C ARG A 175 2.24 3.73 4.27
N PRO A 176 3.58 3.63 4.36
CA PRO A 176 4.44 3.83 3.17
C PRO A 176 4.34 2.59 2.31
N VAL A 177 5.01 2.57 1.15
CA VAL A 177 5.07 1.35 0.35
C VAL A 177 6.37 0.61 0.63
N TYR A 178 6.42 -0.66 0.27
CA TYR A 178 7.66 -1.44 0.38
C TYR A 178 8.47 -1.30 -0.90
N PRO A 179 9.81 -1.15 -0.86
CA PRO A 179 10.56 -1.00 0.37
C PRO A 179 10.46 0.41 0.92
N THR A 180 10.55 0.51 2.23
CA THR A 180 10.32 1.78 2.87
C THR A 180 11.61 2.63 2.80
N LYS A 181 12.03 2.84 1.55
CA LYS A 181 13.11 3.70 1.13
C LYS A 181 12.59 5.04 0.53
N THR A 182 13.53 5.99 0.43
CA THR A 182 13.29 7.36 0.00
C THR A 182 12.73 7.47 -1.45
N PHE A 183 13.44 6.95 -2.45
CA PHE A 183 13.02 7.18 -3.82
C PHE A 183 11.71 6.42 -4.14
N PRO A 184 11.61 5.13 -3.70
CA PRO A 184 10.36 4.42 -3.99
C PRO A 184 9.15 5.12 -3.36
N ASN A 185 9.27 5.61 -2.13
CA ASN A 185 8.16 6.30 -1.53
C ASN A 185 7.82 7.68 -2.07
N LEU A 186 8.82 8.49 -2.37
CA LEU A 186 8.57 9.81 -2.95
C LEU A 186 7.95 9.65 -4.32
N TYR A 187 8.42 8.69 -5.10
CA TYR A 187 7.84 8.51 -6.40
C TYR A 187 6.43 7.87 -6.36
N THR A 188 6.15 7.08 -5.30
CA THR A 188 4.77 6.59 -5.07
C THR A 188 3.81 7.72 -4.72
N LEU A 189 4.26 8.65 -3.85
CA LEU A 189 3.48 9.85 -3.54
C LEU A 189 3.15 10.66 -4.78
N ALA A 190 4.10 10.74 -5.70
CA ALA A 190 3.96 11.47 -6.93
C ALA A 190 3.03 10.85 -7.96
N THR A 191 2.88 9.52 -7.92
CA THR A 191 2.29 8.77 -9.04
C THR A 191 1.05 7.95 -8.69
N GLY A 192 0.85 7.63 -7.42
CA GLY A 192 -0.18 6.70 -6.98
C GLY A 192 0.13 5.26 -7.32
N LEU A 193 1.38 4.97 -7.70
CA LEU A 193 1.70 3.63 -8.22
C LEU A 193 2.57 2.86 -7.23
N TYR A 194 2.35 1.54 -7.10
CA TYR A 194 3.38 0.65 -6.51
C TYR A 194 4.76 0.78 -7.18
N PRO A 195 5.87 0.69 -6.41
CA PRO A 195 7.20 0.70 -7.03
C PRO A 195 7.37 -0.29 -8.16
N GLU A 196 6.76 -1.47 -8.07
CA GLU A 196 6.84 -2.44 -9.18
C GLU A 196 6.25 -1.86 -10.50
N SER A 197 5.25 -0.97 -10.42
CA SER A 197 4.71 -0.37 -11.63
C SER A 197 5.40 0.92 -12.06
N HIS A 198 5.79 1.78 -11.10
CA HIS A 198 6.50 3.02 -11.43
C HIS A 198 7.99 2.82 -11.75
N GLY A 199 8.52 1.68 -11.34
CA GLY A 199 9.88 1.34 -11.75
C GLY A 199 10.97 1.67 -10.78
N ILE A 200 10.68 2.51 -9.79
CA ILE A 200 11.70 2.88 -8.82
C ILE A 200 11.59 1.92 -7.63
N VAL A 201 12.28 0.79 -7.76
CA VAL A 201 12.03 -0.36 -6.86
C VAL A 201 12.96 -0.39 -5.67
N GLY A 202 13.93 0.50 -5.65
CA GLY A 202 14.80 0.70 -4.48
C GLY A 202 15.51 2.05 -4.62
N ASN A 203 16.32 2.40 -3.61
CA ASN A 203 17.29 3.49 -3.76
C ASN A 203 18.45 3.08 -4.69
N SER A 204 18.61 1.77 -4.92
CA SER A 204 19.65 1.22 -5.80
C SER A 204 19.07 0.16 -6.75
N MET A 205 19.40 0.18 -8.06
CA MET A 205 18.80 -0.82 -8.97
C MET A 205 19.64 -1.16 -10.17
N TYR A 206 19.47 -2.39 -10.66
CA TYR A 206 20.09 -2.82 -11.91
C TYR A 206 18.96 -3.13 -12.88
N ASP A 207 18.95 -2.53 -14.07
CA ASP A 207 17.95 -2.91 -15.06
C ASP A 207 18.64 -3.74 -16.16
N PRO A 208 18.34 -5.04 -16.20
CA PRO A 208 19.04 -5.93 -17.15
C PRO A 208 18.79 -5.64 -18.63
N VAL A 209 17.61 -5.10 -18.99
CA VAL A 209 17.32 -4.71 -20.38
C VAL A 209 18.17 -3.52 -20.81
N PHE A 210 18.30 -2.52 -19.94
CA PHE A 210 19.16 -1.37 -20.24
C PHE A 210 20.63 -1.78 -20.07
N ASP A 211 20.88 -2.82 -19.28
CA ASP A 211 22.20 -3.04 -18.74
C ASP A 211 22.70 -1.71 -18.15
N ALA A 212 21.90 -1.13 -17.26
CA ALA A 212 22.35 0.09 -16.57
C ALA A 212 22.01 0.01 -15.10
N SER A 213 22.73 0.78 -14.31
CA SER A 213 22.55 0.83 -12.85
C SER A 213 22.07 2.20 -12.36
N PHE A 214 21.08 2.21 -11.45
CA PHE A 214 20.54 3.44 -10.83
C PHE A 214 21.10 3.55 -9.43
N HIS A 215 21.73 4.68 -9.09
CA HIS A 215 22.26 4.92 -7.73
C HIS A 215 21.93 6.32 -7.23
N LEU A 216 21.86 6.45 -5.90
CA LEU A 216 21.70 7.74 -5.19
C LEU A 216 22.73 8.78 -5.67
N ARG A 217 24.02 8.45 -5.48
CA ARG A 217 25.13 9.20 -6.06
C ARG A 217 25.09 8.98 -7.57
N GLY A 218 25.14 10.06 -8.34
CA GLY A 218 25.47 9.94 -9.76
C GLY A 218 24.41 10.34 -10.75
N ARG A 219 24.78 10.19 -12.02
CA ARG A 219 24.06 10.80 -13.14
C ARG A 219 22.96 9.92 -13.80
N GLU A 220 23.10 8.59 -13.76
CA GLU A 220 22.13 7.65 -14.40
C GLU A 220 20.67 7.89 -13.92
N LYS A 221 20.49 8.10 -12.61
CA LYS A 221 19.20 8.47 -11.99
C LYS A 221 18.44 9.66 -12.65
N PHE A 222 19.15 10.54 -13.35
CA PHE A 222 18.54 11.66 -14.09
C PHE A 222 17.91 11.27 -15.42
N ASN A 223 18.30 10.10 -15.95
CA ASN A 223 17.75 9.62 -17.22
C ASN A 223 16.26 9.24 -17.05
N HIS A 224 15.41 9.79 -17.93
CA HIS A 224 13.95 9.63 -17.89
C HIS A 224 13.41 8.20 -18.02
N ARG A 225 14.17 7.29 -18.61
CA ARG A 225 13.74 5.89 -18.78
C ARG A 225 13.57 5.10 -17.44
N TRP A 226 14.17 5.58 -16.35
CA TRP A 226 13.92 4.96 -15.02
C TRP A 226 12.49 5.17 -14.47
N TRP A 227 11.89 6.29 -14.86
CA TRP A 227 10.79 6.86 -14.12
C TRP A 227 9.54 6.59 -14.88
N GLY A 228 8.76 5.60 -14.45
CA GLY A 228 7.54 5.20 -15.17
C GLY A 228 6.33 5.98 -14.63
N GLY A 229 5.14 5.57 -15.09
CA GLY A 229 3.90 6.23 -14.68
C GLY A 229 3.82 7.69 -15.07
N GLN A 230 2.91 8.42 -14.45
CA GLN A 230 2.77 9.82 -14.70
C GLN A 230 2.67 10.63 -13.40
N PRO A 231 3.76 11.31 -13.01
CA PRO A 231 3.75 12.02 -11.74
C PRO A 231 2.92 13.30 -11.81
N LEU A 232 2.54 13.79 -10.63
CA LEU A 232 1.60 14.87 -10.43
C LEU A 232 1.89 16.12 -11.28
N TRP A 233 3.15 16.60 -11.24
CA TRP A 233 3.59 17.74 -12.07
C TRP A 233 3.31 17.55 -13.55
N ILE A 234 3.40 16.32 -14.06
CA ILE A 234 3.09 16.05 -15.49
C ILE A 234 1.57 15.97 -15.68
N THR A 235 0.88 15.40 -14.71
CA THR A 235 -0.58 15.34 -14.80
C THR A 235 -1.14 16.78 -14.83
N ALA A 236 -0.54 17.67 -14.02
CA ALA A 236 -0.99 19.02 -13.91
C ALA A 236 -0.72 19.75 -15.26
N THR A 237 0.53 19.67 -15.75
CA THR A 237 0.92 20.35 -16.99
C THR A 237 0.02 19.97 -18.16
N LYS A 238 -0.13 18.66 -18.42
CA LYS A 238 -0.98 18.15 -19.50
C LYS A 238 -2.41 18.65 -19.45
N GLN A 239 -2.91 18.98 -18.26
CA GLN A 239 -4.28 19.39 -18.12
C GLN A 239 -4.35 20.87 -17.84
N GLY A 240 -3.27 21.59 -18.10
CA GLY A 240 -3.29 23.05 -18.07
C GLY A 240 -3.27 23.67 -16.68
N VAL A 241 -2.79 22.92 -15.69
CA VAL A 241 -2.51 23.47 -14.37
C VAL A 241 -0.99 23.65 -14.24
N ARG A 242 -0.56 24.83 -13.82
CA ARG A 242 0.88 25.16 -13.74
C ARG A 242 1.51 24.61 -12.46
N ALA A 243 2.63 23.92 -12.61
CA ALA A 243 3.33 23.37 -11.46
C ALA A 243 4.62 24.14 -11.14
N GLY A 244 4.79 24.51 -9.86
CA GLY A 244 6.08 25.02 -9.34
C GLY A 244 7.07 23.88 -9.39
N THR A 245 8.27 24.11 -9.94
CA THR A 245 9.33 23.08 -10.05
C THR A 245 9.53 22.44 -8.66
N PHE A 246 9.32 21.13 -8.57
CA PHE A 246 9.13 20.40 -7.30
C PHE A 246 10.38 20.22 -6.44
N PHE A 247 11.54 20.27 -7.11
CA PHE A 247 12.79 19.74 -6.59
C PHE A 247 13.81 20.85 -6.36
N TRP A 248 14.49 20.76 -5.23
CA TRP A 248 15.43 21.78 -4.79
C TRP A 248 16.83 21.17 -4.69
N SER A 249 17.81 21.81 -5.34
CA SER A 249 19.22 21.42 -5.13
C SER A 249 19.51 21.47 -3.64
N VAL A 250 20.19 20.43 -3.17
CA VAL A 250 20.38 20.16 -1.73
C VAL A 250 21.04 21.34 -1.00
N SER A 251 21.93 22.09 -1.68
CA SER A 251 22.61 23.21 -1.01
C SER A 251 21.72 24.41 -0.76
N ILE A 252 20.60 24.54 -1.49
CA ILE A 252 19.70 25.71 -1.29
C ILE A 252 19.05 25.60 0.08
N PRO A 253 19.30 26.58 0.97
CA PRO A 253 18.78 26.44 2.32
C PRO A 253 17.24 26.55 2.38
N HIS A 254 16.68 25.95 3.42
CA HIS A 254 15.23 25.87 3.61
C HIS A 254 14.52 27.22 3.55
N GLU A 255 15.13 28.24 4.16
CA GLU A 255 14.55 29.58 4.22
C GLU A 255 14.39 30.19 2.82
N ARG A 256 15.36 29.95 1.95
CA ARG A 256 15.32 30.40 0.59
C ARG A 256 14.24 29.67 -0.23
N ARG A 257 14.03 28.38 0.06
CA ARG A 257 12.98 27.60 -0.64
C ARG A 257 11.62 28.19 -0.30
N ILE A 258 11.42 28.50 0.98
CA ILE A 258 10.14 29.04 1.42
C ILE A 258 9.90 30.40 0.74
N LEU A 259 10.92 31.27 0.76
CA LEU A 259 10.80 32.61 0.17
C LEU A 259 10.52 32.52 -1.33
N THR A 260 11.20 31.58 -2.00
CA THR A 260 10.96 31.33 -3.41
C THR A 260 9.48 30.92 -3.70
N ILE A 261 8.94 30.01 -2.88
CA ILE A 261 7.53 29.59 -2.98
C ILE A 261 6.62 30.79 -2.79
N LEU A 262 6.91 31.58 -1.77
CA LEU A 262 6.09 32.75 -1.48
C LEU A 262 6.15 33.79 -2.60
N GLN A 263 7.32 33.96 -3.20
CA GLN A 263 7.51 34.83 -4.35
C GLN A 263 6.73 34.30 -5.57
N TRP A 264 6.80 33.00 -5.83
CA TRP A 264 6.01 32.43 -6.93
C TRP A 264 4.52 32.67 -6.77
N LEU A 265 4.07 32.71 -5.51
CA LEU A 265 2.69 32.96 -5.18
C LEU A 265 2.30 34.40 -5.40
N SER A 266 3.28 35.26 -5.62
CA SER A 266 3.03 36.67 -5.94
C SER A 266 3.05 36.94 -7.44
N LEU A 267 3.31 35.91 -8.26
CA LEU A 267 3.32 36.08 -9.69
C LEU A 267 1.93 36.48 -10.18
N PRO A 268 1.85 37.15 -11.36
CA PRO A 268 0.54 37.33 -12.03
C PRO A 268 -0.16 36.00 -12.34
N ASP A 269 -1.49 36.07 -12.36
CA ASP A 269 -2.41 34.95 -12.55
C ASP A 269 -2.02 33.99 -13.68
N ASN A 270 -1.69 34.54 -14.83
CA ASN A 270 -1.29 33.75 -15.98
C ASN A 270 0.07 33.02 -15.82
N GLU A 271 0.87 33.39 -14.84
CA GLU A 271 2.21 32.79 -14.69
C GLU A 271 2.35 32.00 -13.40
N ARG A 272 1.46 32.22 -12.46
CA ARG A 272 1.56 31.68 -11.12
C ARG A 272 1.19 30.20 -11.07
N PRO A 273 2.07 29.34 -10.49
CA PRO A 273 1.65 27.94 -10.39
C PRO A 273 0.52 27.68 -9.42
N SER A 274 -0.19 26.58 -9.64
CA SER A 274 -1.22 26.15 -8.70
C SER A 274 -0.76 25.08 -7.68
N VAL A 275 0.35 24.40 -7.95
CA VAL A 275 0.87 23.34 -7.08
C VAL A 275 2.37 23.58 -6.84
N TYR A 276 2.78 23.41 -5.58
CA TYR A 276 4.14 23.67 -5.06
C TYR A 276 4.60 22.51 -4.19
N ALA A 277 5.91 22.23 -4.22
CA ALA A 277 6.49 21.17 -3.38
C ALA A 277 7.65 21.73 -2.53
N PHE A 278 7.65 21.43 -1.24
CA PHE A 278 8.85 21.64 -0.43
C PHE A 278 9.28 20.27 0.11
N TYR A 279 10.56 19.95 -0.01
CA TYR A 279 11.13 18.73 0.57
C TYR A 279 12.15 19.05 1.64
N SER A 280 12.01 18.41 2.79
CA SER A 280 13.02 18.47 3.84
C SER A 280 13.79 17.14 4.03
N GLU A 281 15.12 17.23 4.03
CA GLU A 281 16.07 16.09 4.24
C GLU A 281 16.00 15.61 5.70
N GLN A 282 15.47 16.47 6.58
CA GLN A 282 15.27 16.21 7.98
C GLN A 282 13.79 15.77 8.25
N PRO A 283 13.54 14.87 9.20
CA PRO A 283 14.54 14.36 10.16
C PRO A 283 15.38 13.11 9.76
N ASP A 284 15.19 12.57 8.56
CA ASP A 284 15.91 11.40 8.11
C ASP A 284 17.43 11.51 8.34
N PHE A 285 18.00 12.65 7.94
CA PHE A 285 19.45 12.82 7.93
C PHE A 285 20.02 12.58 9.35
N SER A 286 19.43 13.24 10.33
CA SER A 286 19.79 13.04 11.73
C SER A 286 19.38 11.70 12.31
N GLY A 287 18.22 11.18 11.91
CA GLY A 287 17.73 9.86 12.33
C GLY A 287 18.75 8.77 12.01
N HIS A 288 19.40 8.85 10.85
CA HIS A 288 20.38 7.85 10.48
C HIS A 288 21.57 7.86 11.46
N LYS A 289 22.00 9.06 11.87
CA LYS A 289 23.19 9.23 12.75
C LYS A 289 22.87 8.90 14.18
N TYR A 290 21.71 9.35 14.68
CA TYR A 290 21.40 9.23 16.10
C TYR A 290 20.31 8.28 16.53
N GLY A 291 19.69 7.57 15.59
CA GLY A 291 18.51 6.71 15.90
C GLY A 291 17.24 7.55 15.97
N PRO A 292 16.07 6.92 15.86
CA PRO A 292 14.82 7.68 15.72
C PRO A 292 14.49 8.56 16.93
N PHE A 293 14.89 8.15 18.13
CA PHE A 293 14.65 8.97 19.34
C PHE A 293 15.90 9.48 20.06
N GLY A 294 17.01 9.50 19.36
CA GLY A 294 18.25 10.05 19.96
C GLY A 294 17.99 11.45 20.51
N PRO A 295 18.65 11.83 21.65
CA PRO A 295 18.48 13.22 22.18
C PRO A 295 18.84 14.28 21.17
N GLU A 296 19.72 13.98 20.19
CA GLU A 296 20.03 14.93 19.11
C GLU A 296 18.86 15.14 18.11
N MET A 297 17.76 14.41 18.28
CA MET A 297 16.64 14.49 17.34
C MET A 297 15.68 15.66 17.62
N THR A 298 15.79 16.25 18.81
CA THR A 298 14.91 17.35 19.19
C THR A 298 15.15 18.55 18.27
N ASN A 299 16.42 18.95 18.12
CA ASN A 299 16.79 20.07 17.26
C ASN A 299 16.29 20.07 15.79
N PRO A 300 16.49 18.97 15.04
CA PRO A 300 15.93 18.92 13.67
C PRO A 300 14.40 19.04 13.68
N LEU A 301 13.71 18.49 14.70
CA LEU A 301 12.25 18.62 14.81
C LEU A 301 11.82 20.05 15.05
N ARG A 302 12.54 20.77 15.92
CA ARG A 302 12.38 22.22 16.12
C ARG A 302 12.56 22.99 14.82
N GLU A 303 13.62 22.67 14.08
CA GLU A 303 13.92 23.37 12.87
C GLU A 303 12.89 23.13 11.75
N ILE A 304 12.43 21.88 11.57
CA ILE A 304 11.31 21.64 10.66
C ILE A 304 10.10 22.49 11.08
N ASP A 305 9.76 22.48 12.36
CA ASP A 305 8.64 23.31 12.80
C ASP A 305 8.75 24.83 12.52
N LYS A 306 9.94 25.38 12.74
CA LYS A 306 10.24 26.75 12.41
C LYS A 306 10.00 27.03 10.93
N THR A 307 10.42 26.11 10.05
CA THR A 307 10.19 26.26 8.60
C THR A 307 8.70 26.30 8.27
N VAL A 308 7.94 25.42 8.90
CA VAL A 308 6.48 25.38 8.76
C VAL A 308 5.94 26.74 9.19
N GLY A 309 6.45 27.25 10.30
CA GLY A 309 6.05 28.57 10.82
C GLY A 309 6.31 29.70 9.85
N GLN A 310 7.47 29.64 9.20
CA GLN A 310 7.84 30.63 8.18
C GLN A 310 6.90 30.60 6.98
N LEU A 311 6.58 29.40 6.48
CA LEU A 311 5.56 29.24 5.46
C LEU A 311 4.24 29.82 5.87
N MET A 312 3.75 29.47 7.05
CA MET A 312 2.41 29.90 7.44
C MET A 312 2.36 31.39 7.69
N ASP A 313 3.44 31.95 8.23
CA ASP A 313 3.53 33.41 8.45
C ASP A 313 3.63 34.10 7.11
N GLY A 314 4.39 33.52 6.21
CA GLY A 314 4.49 34.02 4.85
C GLY A 314 3.15 34.03 4.10
N LEU A 315 2.38 32.96 4.24
CA LEU A 315 1.06 32.87 3.62
C LEU A 315 0.11 33.86 4.26
N LYS A 316 0.14 33.96 5.59
CA LYS A 316 -0.71 34.90 6.26
C LYS A 316 -0.48 36.35 5.77
N GLN A 317 0.80 36.79 5.67
CA GLN A 317 1.20 38.11 5.07
C GLN A 317 0.61 38.33 3.70
N LEU A 318 0.55 37.29 2.89
CA LEU A 318 -0.01 37.43 1.56
C LEU A 318 -1.54 37.23 1.56
N ARG A 319 -2.16 37.11 2.73
CA ARG A 319 -3.61 36.78 2.85
C ARG A 319 -3.93 35.44 2.16
N LEU A 320 -3.03 34.47 2.26
CA LEU A 320 -3.18 33.20 1.55
C LEU A 320 -3.41 32.05 2.52
N HIS A 321 -3.47 32.35 3.82
CA HIS A 321 -3.46 31.32 4.87
C HIS A 321 -4.80 30.62 5.07
N ARG A 322 -5.83 31.17 4.44
CA ARG A 322 -7.17 30.58 4.43
C ARG A 322 -7.56 30.34 2.97
N CYS A 323 -6.56 30.19 2.12
CA CYS A 323 -6.81 30.00 0.73
C CYS A 323 -6.11 28.72 0.26
N VAL A 324 -4.88 28.50 0.74
CA VAL A 324 -4.03 27.40 0.29
C VAL A 324 -4.39 26.07 1.00
N ASN A 325 -4.38 24.94 0.28
CA ASN A 325 -4.39 23.65 0.95
C ASN A 325 -2.93 23.19 1.15
N VAL A 326 -2.63 22.76 2.36
CA VAL A 326 -1.28 22.40 2.74
C VAL A 326 -1.33 20.92 3.13
N ILE A 327 -0.45 20.14 2.53
CA ILE A 327 -0.25 18.75 2.90
C ILE A 327 1.11 18.64 3.57
N PHE A 328 1.15 18.05 4.77
CA PHE A 328 2.37 17.73 5.50
C PHE A 328 2.47 16.20 5.52
N VAL A 329 3.49 15.66 4.87
CA VAL A 329 3.47 14.23 4.56
C VAL A 329 4.91 13.69 4.68
N GLY A 330 5.06 12.49 5.24
CA GLY A 330 6.39 11.84 5.28
C GLY A 330 6.55 10.75 4.25
N ASP A 331 7.78 10.35 3.93
CA ASP A 331 7.92 9.24 3.02
C ASP A 331 7.94 7.85 3.76
N HIS A 332 8.44 7.82 4.99
CA HIS A 332 8.64 6.58 5.83
C HIS A 332 9.15 7.04 7.19
N GLY A 333 9.17 6.11 8.15
CA GLY A 333 9.66 6.39 9.47
C GLY A 333 11.14 6.02 9.54
N MET A 334 11.56 5.60 10.74
CA MET A 334 12.98 5.32 11.04
C MET A 334 12.99 4.35 12.21
N GLU A 335 13.89 3.39 12.12
CA GLU A 335 14.05 2.34 13.15
C GLU A 335 15.49 2.39 13.73
N ASP A 336 15.66 1.84 14.96
CA ASP A 336 17.00 1.66 15.58
C ASP A 336 17.69 0.53 14.92
N VAL A 337 18.85 0.84 14.34
CA VAL A 337 19.65 -0.15 13.58
C VAL A 337 21.09 0.24 13.77
N THR A 338 21.90 -0.71 14.22
CA THR A 338 23.35 -0.54 14.46
C THR A 338 24.13 -1.66 13.72
N CYS A 339 25.43 -1.38 13.47
CA CYS A 339 26.38 -2.23 12.72
C CYS A 339 26.49 -3.65 13.27
N ASP A 340 26.41 -3.82 14.58
CA ASP A 340 26.49 -5.13 15.20
C ASP A 340 25.25 -6.00 14.94
N ARG A 341 24.11 -5.40 14.55
CA ARG A 341 22.94 -6.18 14.10
C ARG A 341 22.98 -6.37 12.59
N THR A 342 24.01 -7.08 12.12
CA THR A 342 24.18 -7.42 10.73
C THR A 342 24.37 -8.91 10.66
N GLU A 343 23.60 -9.55 9.79
CA GLU A 343 23.82 -10.93 9.36
C GLU A 343 24.65 -10.84 8.11
N PHE A 344 25.55 -11.82 7.94
CA PHE A 344 26.43 -11.87 6.79
C PHE A 344 26.16 -13.11 5.99
N LEU A 345 25.95 -12.93 4.69
CA LEU A 345 25.67 -14.07 3.85
C LEU A 345 26.86 -15.08 3.83
N SER A 346 28.06 -14.59 4.11
CA SER A 346 29.27 -15.42 4.16
C SER A 346 29.23 -16.42 5.32
N ASN A 347 28.28 -16.23 6.25
CA ASN A 347 28.01 -17.24 7.29
C ASN A 347 27.00 -18.33 6.93
N TYR A 348 26.59 -18.39 5.65
CA TYR A 348 25.55 -19.30 5.18
C TYR A 348 26.02 -19.84 3.87
N LEU A 349 26.68 -19.02 3.07
CA LEU A 349 26.95 -19.41 1.70
C LEU A 349 28.44 -19.73 1.51
N THR A 350 28.72 -20.84 0.84
CA THR A 350 30.10 -21.18 0.48
C THR A 350 30.54 -20.35 -0.75
N ASN A 351 29.70 -20.29 -1.79
CA ASN A 351 29.95 -19.54 -3.03
C ASN A 351 29.69 -18.00 -2.99
N VAL A 352 29.87 -17.39 -1.80
CA VAL A 352 29.54 -15.97 -1.58
C VAL A 352 30.08 -14.95 -2.61
N ASP A 353 31.17 -15.28 -3.31
CA ASP A 353 31.72 -14.41 -4.36
C ASP A 353 31.04 -14.51 -5.73
N ASP A 354 30.17 -15.50 -5.89
CA ASP A 354 29.43 -15.72 -7.14
C ASP A 354 28.09 -14.94 -7.17
N ILE A 355 27.77 -14.23 -6.08
CA ILE A 355 26.54 -13.43 -6.00
C ILE A 355 26.77 -11.93 -5.85
N THR A 356 25.82 -11.16 -6.38
CA THR A 356 25.71 -9.72 -6.15
C THR A 356 24.57 -9.56 -5.11
N LEU A 357 24.82 -8.82 -4.05
CA LEU A 357 23.77 -8.53 -3.08
C LEU A 357 23.48 -7.03 -3.06
N VAL A 358 22.20 -6.68 -3.21
CA VAL A 358 21.77 -5.34 -2.82
C VAL A 358 21.50 -5.42 -1.31
N PRO A 359 22.30 -4.69 -0.48
CA PRO A 359 22.33 -4.95 0.95
C PRO A 359 21.47 -3.99 1.80
N GLY A 360 21.37 -4.26 3.09
CA GLY A 360 20.95 -3.31 4.09
C GLY A 360 19.73 -3.86 4.79
N THR A 361 18.67 -3.04 4.82
CA THR A 361 17.35 -3.35 5.44
C THR A 361 16.43 -4.20 4.58
N LEU A 362 16.87 -4.51 3.36
CA LEU A 362 16.26 -5.55 2.53
C LEU A 362 17.42 -6.16 1.76
N GLY A 363 17.20 -7.34 1.19
CA GLY A 363 18.25 -7.98 0.43
C GLY A 363 17.74 -8.33 -0.92
N ARG A 364 18.53 -8.08 -1.96
CA ARG A 364 18.21 -8.60 -3.29
C ARG A 364 19.44 -9.27 -3.89
N ILE A 365 19.28 -10.52 -4.34
CA ILE A 365 20.42 -11.34 -4.78
C ILE A 365 20.27 -11.70 -6.23
N ARG A 366 21.35 -11.49 -6.99
CA ARG A 366 21.44 -12.08 -8.32
C ARG A 366 22.87 -12.63 -8.54
N ALA A 367 23.08 -13.29 -9.68
CA ALA A 367 24.37 -13.83 -10.04
C ALA A 367 25.28 -12.66 -10.34
N LYS A 368 26.51 -12.68 -9.81
CA LYS A 368 27.57 -11.76 -10.25
C LYS A 368 27.81 -11.78 -11.77
N SER A 369 27.78 -12.96 -12.38
CA SER A 369 28.03 -13.07 -13.82
C SER A 369 26.99 -13.98 -14.50
N ILE A 370 26.34 -13.46 -15.55
CA ILE A 370 25.35 -14.25 -16.34
C ILE A 370 25.97 -15.36 -17.20
N ASN A 371 27.30 -15.38 -17.29
CA ASN A 371 28.04 -16.47 -17.95
C ASN A 371 28.31 -17.68 -17.03
N ASN A 372 28.09 -17.50 -15.71
CA ASN A 372 28.18 -18.62 -14.76
C ASN A 372 26.91 -19.49 -14.71
N SER A 373 26.98 -20.61 -15.42
CA SER A 373 25.86 -21.55 -15.58
C SER A 373 25.69 -22.50 -14.37
N LYS A 374 26.58 -22.36 -13.38
CA LYS A 374 26.52 -23.16 -12.15
C LYS A 374 25.93 -22.38 -10.96
N TYR A 375 25.59 -21.11 -11.19
CA TYR A 375 24.75 -20.34 -10.25
C TYR A 375 23.37 -20.98 -10.22
N ASP A 376 22.92 -21.38 -9.02
CA ASP A 376 21.59 -21.98 -8.84
C ASP A 376 20.79 -21.27 -7.72
N PRO A 377 19.75 -20.50 -8.09
CA PRO A 377 18.94 -19.80 -7.08
C PRO A 377 18.31 -20.76 -6.08
N LYS A 378 17.94 -21.96 -6.52
CA LYS A 378 17.28 -22.95 -5.66
C LYS A 378 18.16 -23.31 -4.50
N THR A 379 19.43 -23.59 -4.79
CA THR A 379 20.39 -23.95 -3.73
C THR A 379 20.79 -22.76 -2.86
N ILE A 380 20.79 -21.55 -3.42
CA ILE A 380 21.03 -20.36 -2.60
C ILE A 380 19.92 -20.20 -1.56
N ILE A 381 18.66 -20.33 -2.00
CA ILE A 381 17.51 -20.21 -1.08
C ILE A 381 17.57 -21.27 0.00
N ALA A 382 17.82 -22.51 -0.39
CA ALA A 382 17.85 -23.58 0.61
C ALA A 382 18.96 -23.33 1.66
N ALA A 383 20.12 -22.84 1.19
CA ALA A 383 21.24 -22.52 2.09
C ALA A 383 20.95 -21.32 3.01
N LEU A 384 19.97 -20.49 2.64
CA LEU A 384 19.57 -19.34 3.48
C LEU A 384 18.34 -19.59 4.33
N THR A 385 17.77 -20.80 4.29
CA THR A 385 16.47 -21.08 4.90
C THR A 385 16.58 -21.73 6.26
N CYS A 386 16.06 -21.04 7.28
CA CYS A 386 15.96 -21.56 8.65
C CYS A 386 17.25 -22.18 9.18
N LYS A 387 18.39 -21.61 8.80
CA LYS A 387 19.69 -22.13 9.18
C LYS A 387 20.20 -21.88 10.61
N LYS A 388 19.75 -20.80 11.25
CA LYS A 388 20.21 -20.43 12.61
C LYS A 388 18.97 -20.19 13.48
N PRO A 389 19.00 -20.62 14.76
CA PRO A 389 17.80 -20.54 15.60
C PRO A 389 17.10 -19.16 15.66
N ASP A 390 17.87 -18.07 15.55
CA ASP A 390 17.31 -16.73 15.67
C ASP A 390 17.46 -15.86 14.41
N GLN A 391 17.66 -16.52 13.26
CA GLN A 391 18.00 -15.92 11.95
C GLN A 391 17.21 -14.61 11.72
N HIS A 392 17.87 -13.51 11.35
CA HIS A 392 17.13 -12.21 11.28
C HIS A 392 16.74 -11.71 9.88
N PHE A 393 16.71 -12.63 8.92
CA PHE A 393 16.16 -12.39 7.60
C PHE A 393 15.53 -13.72 7.18
N LYS A 394 14.63 -13.63 6.19
CA LYS A 394 13.98 -14.80 5.57
C LYS A 394 14.09 -14.61 4.07
N PRO A 395 14.63 -15.62 3.37
CA PRO A 395 14.71 -15.57 1.92
C PRO A 395 13.38 -15.95 1.24
N TYR A 396 13.13 -15.34 0.08
CA TYR A 396 11.94 -15.65 -0.68
C TYR A 396 12.29 -15.62 -2.15
N MET A 397 11.67 -16.47 -2.95
CA MET A 397 11.51 -16.15 -4.38
C MET A 397 10.50 -14.97 -4.38
N LYS A 398 10.73 -13.97 -5.23
CA LYS A 398 9.92 -12.73 -5.19
C LYS A 398 8.41 -13.00 -5.31
N GLN A 399 8.03 -14.00 -6.10
CA GLN A 399 6.64 -14.35 -6.28
C GLN A 399 5.98 -14.98 -5.03
N HIS A 400 6.81 -15.40 -4.06
CA HIS A 400 6.34 -15.88 -2.75
C HIS A 400 6.25 -14.85 -1.64
N LEU A 401 6.78 -13.65 -1.88
CA LEU A 401 6.54 -12.55 -0.97
C LEU A 401 5.03 -12.32 -0.75
N PRO A 402 4.63 -11.96 0.49
CA PRO A 402 3.25 -11.55 0.76
C PRO A 402 2.76 -10.61 -0.30
N LYS A 403 1.60 -10.96 -0.83
CA LYS A 403 1.02 -10.23 -1.94
C LYS A 403 0.75 -8.76 -1.60
N ARG A 404 0.57 -8.47 -0.31
CA ARG A 404 0.28 -7.10 0.14
C ARG A 404 1.45 -6.14 -0.13
N LEU A 405 2.66 -6.70 -0.31
CA LEU A 405 3.86 -5.88 -0.63
C LEU A 405 3.91 -5.46 -2.09
N HIS A 406 3.13 -6.16 -2.93
CA HIS A 406 3.07 -5.87 -4.37
C HIS A 406 4.49 -5.68 -4.97
N TYR A 407 5.40 -6.60 -4.63
CA TYR A 407 6.79 -6.39 -4.95
C TYR A 407 7.41 -7.54 -5.74
N ALA A 408 7.08 -7.63 -7.01
CA ALA A 408 7.51 -8.73 -7.85
C ALA A 408 7.53 -8.42 -9.34
N ASN A 409 6.49 -7.77 -9.85
CA ASN A 409 6.30 -7.61 -11.30
C ASN A 409 7.17 -6.47 -11.90
N ASN A 410 8.49 -6.60 -11.76
CA ASN A 410 9.41 -5.68 -12.40
C ASN A 410 10.72 -6.41 -12.61
N ARG A 411 11.27 -6.29 -13.82
CA ARG A 411 12.58 -6.88 -14.19
C ARG A 411 13.71 -6.34 -13.32
N ARG A 412 13.49 -5.19 -12.67
CA ARG A 412 14.50 -4.64 -11.79
C ARG A 412 14.51 -5.25 -10.39
N ILE A 413 13.54 -6.12 -10.09
CA ILE A 413 13.43 -6.75 -8.76
C ILE A 413 13.98 -8.16 -8.95
N GLU A 414 15.11 -8.44 -8.30
CA GLU A 414 15.79 -9.71 -8.43
C GLU A 414 14.88 -10.85 -7.92
N ASP A 415 14.99 -11.99 -8.60
CA ASP A 415 14.25 -13.21 -8.21
C ASP A 415 14.35 -13.55 -6.72
N ILE A 416 15.54 -13.40 -6.13
CA ILE A 416 15.76 -13.80 -4.74
C ILE A 416 15.74 -12.53 -3.90
N HIS A 417 14.92 -12.55 -2.85
CA HIS A 417 14.70 -11.42 -2.00
C HIS A 417 14.88 -11.86 -0.56
N LEU A 418 15.41 -10.96 0.27
CA LEU A 418 15.46 -11.21 1.72
C LEU A 418 14.67 -10.19 2.46
N LEU A 419 13.69 -10.65 3.21
CA LEU A 419 12.96 -9.77 4.12
C LEU A 419 13.69 -9.77 5.42
N VAL A 420 14.18 -8.60 5.79
CA VAL A 420 15.07 -8.46 6.92
C VAL A 420 14.21 -8.08 8.14
N ASP A 421 14.45 -8.69 9.29
CA ASP A 421 13.79 -8.29 10.53
C ASP A 421 14.05 -6.84 10.87
N ARG A 422 13.03 -6.20 11.48
CA ARG A 422 13.18 -4.83 11.94
C ARG A 422 14.38 -4.78 12.90
N ARG A 423 15.19 -3.72 12.80
CA ARG A 423 16.38 -3.49 13.65
C ARG A 423 17.66 -4.11 13.11
N TRP A 424 17.54 -4.83 12.00
CA TRP A 424 18.69 -5.56 11.42
C TRP A 424 19.09 -5.10 10.05
N HIS A 425 20.31 -5.51 9.66
CA HIS A 425 20.84 -5.34 8.34
C HIS A 425 21.29 -6.71 7.81
N VAL A 426 21.40 -6.82 6.50
CA VAL A 426 22.03 -7.96 5.86
C VAL A 426 23.16 -7.39 4.99
N ALA A 427 24.33 -8.04 5.04
CA ALA A 427 25.44 -7.71 4.16
C ALA A 427 26.03 -8.99 3.59
N ARG A 428 26.87 -8.87 2.58
CA ARG A 428 27.41 -10.03 1.89
C ARG A 428 28.52 -10.71 2.75
N LYS A 429 29.49 -9.90 3.18
CA LYS A 429 30.73 -10.32 3.89
CA LYS A 429 30.61 -10.36 3.97
C LYS A 429 31.01 -9.24 4.93
N PRO A 430 31.62 -9.60 6.09
CA PRO A 430 31.95 -8.51 7.07
C PRO A 430 32.76 -7.32 6.54
N LEU A 431 33.67 -7.54 5.58
CA LEU A 431 34.46 -6.44 5.00
C LEU A 431 33.60 -5.24 4.51
N ASP A 432 32.46 -5.54 3.87
CA ASP A 432 31.41 -4.55 3.43
C ASP A 432 30.90 -3.56 4.49
N VAL A 433 30.80 -4.00 5.75
CA VAL A 433 30.32 -3.16 6.85
C VAL A 433 31.40 -2.22 7.43
N TYR A 434 32.65 -2.67 7.51
CA TYR A 434 33.75 -1.80 8.02
C TYR A 434 34.61 -1.08 6.93
N LYS A 435 34.60 -1.59 5.69
CA LYS A 435 35.17 -0.90 4.50
C LYS A 435 34.06 -0.43 3.50
N LYS A 436 33.23 0.55 3.93
CA LYS A 436 32.09 1.06 3.14
C LYS A 436 32.18 2.57 2.84
N CYS A 441 30.68 2.44 15.09
CA CYS A 441 29.52 2.35 14.22
C CYS A 441 29.02 3.75 13.84
N PHE A 442 29.08 4.04 12.54
CA PHE A 442 28.59 5.30 11.97
C PHE A 442 27.11 5.51 12.36
N PHE A 443 26.24 4.67 11.82
CA PHE A 443 24.80 4.90 11.82
C PHE A 443 24.08 4.24 13.01
N GLN A 444 23.05 4.91 13.51
CA GLN A 444 22.18 4.32 14.52
C GLN A 444 20.71 4.18 14.09
N GLY A 445 20.35 4.66 12.90
CA GLY A 445 18.97 4.52 12.39
C GLY A 445 18.96 4.08 10.94
N ASP A 446 17.96 3.29 10.56
CA ASP A 446 17.74 3.03 9.14
C ASP A 446 16.25 2.69 8.85
N HIS A 447 15.91 2.46 7.58
CA HIS A 447 14.54 2.21 7.16
C HIS A 447 14.64 1.41 5.90
N GLY A 448 13.52 0.90 5.41
CA GLY A 448 13.49 0.01 4.24
C GLY A 448 12.73 -1.26 4.54
N PHE A 449 12.49 -1.57 5.82
CA PHE A 449 11.79 -2.81 6.24
C PHE A 449 10.33 -2.88 5.71
N ASP A 450 9.78 -4.08 5.83
CA ASP A 450 8.35 -4.39 5.61
C ASP A 450 7.45 -3.22 6.01
N ASN A 451 6.56 -2.82 5.08
CA ASN A 451 5.82 -1.55 5.30
C ASN A 451 4.72 -1.66 6.35
N LYS A 452 4.51 -2.86 6.91
CA LYS A 452 3.60 -3.04 8.05
CA LYS A 452 3.58 -2.95 8.03
C LYS A 452 4.22 -2.62 9.39
N VAL A 453 5.56 -2.58 9.43
CA VAL A 453 6.33 -2.36 10.69
C VAL A 453 6.01 -0.99 11.27
N ASN A 454 5.69 -0.93 12.57
CA ASN A 454 5.30 0.33 13.22
C ASN A 454 6.30 1.45 13.07
N SER A 455 7.58 1.13 13.24
CA SER A 455 8.61 2.15 13.14
C SER A 455 8.73 2.75 11.74
N MET A 456 8.22 2.05 10.72
CA MET A 456 8.27 2.58 9.34
C MET A 456 7.08 3.49 8.97
N GLN A 457 6.08 3.58 9.84
CA GLN A 457 4.88 4.38 9.55
C GLN A 457 5.29 5.84 9.56
N THR A 458 4.55 6.66 8.82
CA THR A 458 4.94 8.03 8.65
C THR A 458 3.65 8.88 8.86
N VAL A 459 3.67 10.15 8.45
CA VAL A 459 2.62 11.08 8.87
C VAL A 459 1.78 11.55 7.71
N PHE A 460 0.54 11.96 8.03
CA PHE A 460 -0.26 12.75 7.09
C PHE A 460 -1.08 13.79 7.83
N VAL A 461 -0.99 15.04 7.36
CA VAL A 461 -1.84 16.14 7.87
C VAL A 461 -2.27 16.89 6.64
N GLY A 462 -3.59 17.14 6.51
CA GLY A 462 -4.11 18.05 5.46
C GLY A 462 -4.74 19.27 6.10
N TYR A 463 -4.37 20.47 5.66
CA TYR A 463 -4.96 21.67 6.23
C TYR A 463 -5.39 22.64 5.12
N GLY A 464 -6.59 23.20 5.23
CA GLY A 464 -7.05 24.07 4.15
C GLY A 464 -8.54 24.06 3.89
N PRO A 465 -9.01 24.91 2.95
CA PRO A 465 -10.46 25.03 2.68
C PRO A 465 -11.04 23.72 2.19
N THR A 466 -10.25 22.89 1.49
CA THR A 466 -10.81 21.66 0.90
C THR A 466 -10.76 20.45 1.86
N PHE A 467 -9.89 20.48 2.88
CA PHE A 467 -9.85 19.44 3.92
C PHE A 467 -10.88 19.74 4.97
N LYS A 468 -11.22 18.71 5.74
CA LYS A 468 -12.15 18.86 6.85
CA LYS A 468 -12.17 18.84 6.85
C LYS A 468 -11.52 19.56 8.03
N TYR A 469 -12.36 20.08 8.90
CA TYR A 469 -11.96 20.81 10.08
C TYR A 469 -11.87 19.85 11.26
N ARG A 470 -10.77 19.94 12.02
CA ARG A 470 -10.55 19.16 13.28
C ARG A 470 -10.98 17.71 13.14
N THR A 471 -10.51 16.99 12.12
CA THR A 471 -11.06 15.66 11.86
C THR A 471 -9.91 14.65 11.89
N LYS A 472 -10.13 13.54 12.57
CA LYS A 472 -9.21 12.44 12.52
C LYS A 472 -9.78 11.40 11.55
N VAL A 473 -8.93 10.86 10.68
CA VAL A 473 -9.33 9.81 9.74
C VAL A 473 -8.48 8.58 10.08
N PRO A 474 -8.95 7.37 9.75
CA PRO A 474 -8.18 6.16 10.02
C PRO A 474 -6.87 6.12 9.19
N PRO A 475 -5.90 5.32 9.61
CA PRO A 475 -4.67 5.18 8.81
C PRO A 475 -5.00 4.75 7.39
N PHE A 476 -4.18 5.18 6.44
CA PHE A 476 -4.40 4.79 5.06
C PHE A 476 -3.02 4.70 4.41
N GLU A 477 -2.96 4.16 3.19
CA GLU A 477 -1.70 3.94 2.46
C GLU A 477 -1.37 5.11 1.56
N ASN A 478 -0.08 5.44 1.51
CA ASN A 478 0.36 6.54 0.69
C ASN A 478 0.05 6.44 -0.83
N ILE A 479 -0.27 5.22 -1.33
CA ILE A 479 -0.65 5.06 -2.76
C ILE A 479 -1.97 5.80 -3.07
N GLU A 480 -2.76 6.13 -2.04
CA GLU A 480 -4.05 6.82 -2.22
C GLU A 480 -3.95 8.33 -2.43
N LEU A 481 -2.83 8.94 -2.06
CA LEU A 481 -2.76 10.42 -2.03
C LEU A 481 -2.74 11.07 -3.40
N TYR A 482 -2.10 10.44 -4.39
CA TYR A 482 -2.07 11.03 -5.77
C TYR A 482 -3.49 11.39 -6.23
N ASN A 483 -4.44 10.46 -6.10
CA ASN A 483 -5.86 10.75 -6.41
C ASN A 483 -6.35 12.03 -5.68
N VAL A 484 -6.05 12.15 -4.40
CA VAL A 484 -6.53 13.27 -3.59
C VAL A 484 -5.86 14.58 -4.02
N MET A 485 -4.56 14.53 -4.35
CA MET A 485 -3.88 15.71 -4.83
C MET A 485 -4.49 16.12 -6.18
N CYS A 486 -4.86 15.14 -7.02
CA CYS A 486 -5.54 15.41 -8.28
C CYS A 486 -6.91 16.04 -8.04
N ASP A 487 -7.68 15.49 -7.10
CA ASP A 487 -8.98 16.06 -6.67
C ASP A 487 -8.82 17.51 -6.17
N LEU A 488 -7.76 17.76 -5.40
CA LEU A 488 -7.49 19.10 -4.85
C LEU A 488 -7.21 20.12 -5.91
N LEU A 489 -6.75 19.66 -7.07
CA LEU A 489 -6.39 20.57 -8.13
C LEU A 489 -7.37 20.52 -9.30
N GLY A 490 -8.45 19.72 -9.18
CA GLY A 490 -9.42 19.49 -10.27
C GLY A 490 -8.82 18.78 -11.48
N LEU A 491 -7.83 17.91 -11.24
CA LEU A 491 -7.24 17.08 -12.29
C LEU A 491 -7.85 15.70 -12.40
N LYS A 492 -7.77 15.08 -13.57
CA LYS A 492 -8.14 13.70 -13.73
C LYS A 492 -6.86 12.88 -13.51
N PRO A 493 -6.86 11.97 -12.52
CA PRO A 493 -5.62 11.24 -12.26
C PRO A 493 -5.31 10.26 -13.42
N ALA A 494 -4.04 10.11 -13.78
CA ALA A 494 -3.63 8.98 -14.59
C ALA A 494 -3.98 7.63 -13.88
N PRO A 495 -4.09 6.52 -14.65
CA PRO A 495 -4.43 5.22 -14.04
C PRO A 495 -3.44 4.85 -12.95
N ASN A 496 -3.93 4.53 -11.76
CA ASN A 496 -2.99 4.30 -10.66
C ASN A 496 -3.53 3.25 -9.69
N ASN A 497 -2.76 2.97 -8.64
CA ASN A 497 -3.12 1.93 -7.66
C ASN A 497 -3.95 2.39 -6.46
N GLY A 498 -4.15 3.70 -6.31
CA GLY A 498 -5.17 4.17 -5.36
C GLY A 498 -6.55 3.63 -5.76
N THR A 499 -7.51 3.79 -4.85
CA THR A 499 -8.89 3.43 -5.07
C THR A 499 -9.59 4.75 -4.89
N HIS A 500 -9.96 5.34 -6.01
CA HIS A 500 -10.40 6.73 -6.04
C HIS A 500 -11.79 6.79 -5.42
N GLY A 501 -11.92 7.60 -4.38
CA GLY A 501 -13.10 7.65 -3.56
C GLY A 501 -12.85 7.10 -2.17
N SER A 502 -11.79 6.32 -1.97
CA SER A 502 -11.58 5.71 -0.64
C SER A 502 -11.09 6.76 0.41
N LEU A 503 -10.58 7.90 -0.06
CA LEU A 503 -10.22 9.01 0.84
C LEU A 503 -11.19 10.20 0.73
N ASN A 504 -12.42 9.99 0.27
CA ASN A 504 -13.40 11.12 0.23
C ASN A 504 -13.69 11.69 1.62
N HIS A 505 -13.66 10.81 2.63
CA HIS A 505 -13.85 11.25 4.01
C HIS A 505 -12.74 12.20 4.56
N LEU A 506 -11.65 12.42 3.84
CA LEU A 506 -10.74 13.52 4.21
C LEU A 506 -11.20 14.93 3.81
N LEU A 507 -12.15 15.03 2.88
CA LEU A 507 -12.34 16.26 2.14
C LEU A 507 -13.71 16.87 2.44
N ARG A 508 -13.73 18.20 2.57
CA ARG A 508 -14.95 18.98 2.71
C ARG A 508 -15.72 18.98 1.40
N THR A 509 -15.06 19.15 0.26
CA THR A 509 -15.72 19.10 -1.07
C THR A 509 -14.67 18.57 -2.05
N ASN A 510 -14.95 18.67 -3.37
CA ASN A 510 -14.12 18.10 -4.46
C ASN A 510 -14.08 16.59 -4.37
N THR A 511 -15.09 16.01 -3.72
CA THR A 511 -15.10 14.56 -3.58
C THR A 511 -15.28 13.94 -5.00
N PHE A 512 -14.93 12.67 -5.10
CA PHE A 512 -15.00 11.98 -6.35
C PHE A 512 -16.04 10.91 -6.14
N ARG A 513 -17.04 10.92 -7.02
CA ARG A 513 -18.19 10.07 -6.78
C ARG A 513 -18.15 8.89 -7.73
N PRO A 514 -17.48 7.78 -7.33
CA PRO A 514 -17.40 6.69 -8.31
C PRO A 514 -18.69 5.87 -8.33
N THR A 515 -18.92 5.14 -9.42
CA THR A 515 -20.01 4.20 -9.50
C THR A 515 -19.38 2.82 -9.34
N MET A 516 -20.15 1.86 -8.86
CA MET A 516 -19.71 0.48 -8.83
C MET A 516 -19.44 -0.03 -10.26
N PRO A 517 -18.39 -0.83 -10.44
CA PRO A 517 -18.20 -1.39 -11.79
C PRO A 517 -19.39 -2.27 -12.22
N ASP A 518 -19.71 -2.28 -13.50
CA ASP A 518 -20.78 -3.14 -14.01
C ASP A 518 -20.39 -4.61 -13.98
N GLU A 519 -21.35 -5.46 -13.63
CA GLU A 519 -21.11 -6.89 -13.69
C GLU A 519 -20.99 -7.24 -15.17
N VAL A 520 -19.98 -8.04 -15.51
CA VAL A 520 -19.76 -8.43 -16.91
C VAL A 520 -20.43 -9.77 -17.22
N SER A 521 -20.29 -10.75 -16.34
CA SER A 521 -20.93 -12.04 -16.55
C SER A 521 -22.00 -12.26 -15.53
N ARG A 522 -23.22 -12.49 -16.00
CA ARG A 522 -24.26 -12.96 -15.09
C ARG A 522 -24.21 -14.50 -14.83
N PRO A 523 -24.63 -14.93 -13.64
CA PRO A 523 -24.49 -16.36 -13.37
C PRO A 523 -25.64 -17.18 -13.98
N ASN A 524 -25.42 -18.47 -14.12
CA ASN A 524 -26.51 -19.45 -14.30
C ASN A 524 -26.96 -19.94 -12.93
N TYR A 525 -28.24 -20.32 -12.84
CA TYR A 525 -28.77 -20.91 -11.63
C TYR A 525 -29.27 -22.33 -11.97
N PRO A 526 -28.35 -23.32 -12.08
CA PRO A 526 -28.71 -24.70 -12.45
C PRO A 526 -29.54 -25.45 -11.42
N GLY A 527 -30.49 -26.26 -11.89
CA GLY A 527 -31.25 -27.13 -11.01
C GLY A 527 -30.70 -28.54 -11.19
N ILE A 528 -31.44 -29.52 -10.70
CA ILE A 528 -31.06 -30.91 -10.79
C ILE A 528 -31.20 -31.40 -12.24
N MET A 529 -30.08 -31.75 -12.87
CA MET A 529 -30.01 -31.98 -14.34
CA MET A 529 -30.05 -32.01 -14.33
C MET A 529 -29.28 -33.26 -14.72
N TYR A 530 -28.66 -33.92 -13.74
CA TYR A 530 -27.83 -35.10 -14.04
C TYR A 530 -28.11 -36.18 -13.04
N LEU A 531 -28.08 -37.41 -13.53
CA LEU A 531 -28.22 -38.54 -12.66
C LEU A 531 -26.85 -38.98 -12.20
N GLN A 532 -26.80 -39.48 -10.97
CA GLN A 532 -25.58 -39.98 -10.30
C GLN A 532 -24.74 -40.85 -11.23
N SER A 533 -25.37 -41.83 -11.88
CA SER A 533 -24.61 -42.77 -12.74
C SER A 533 -23.99 -42.12 -13.97
N GLU A 534 -24.31 -40.88 -14.30
CA GLU A 534 -23.58 -40.23 -15.41
C GLU A 534 -22.17 -39.77 -15.01
N PHE A 535 -21.84 -39.85 -13.73
CA PHE A 535 -20.55 -39.39 -13.28
C PHE A 535 -19.56 -40.53 -13.24
N ASP A 536 -18.43 -40.36 -13.90
CA ASP A 536 -17.37 -41.33 -13.78
C ASP A 536 -16.09 -40.65 -13.34
N LEU A 537 -16.04 -40.39 -12.03
CA LEU A 537 -15.06 -39.51 -11.46
C LEU A 537 -14.11 -40.27 -10.57
N GLY A 538 -14.44 -41.53 -10.25
CA GLY A 538 -13.59 -42.36 -9.39
C GLY A 538 -13.73 -41.92 -7.94
N CYS A 539 -14.82 -41.20 -7.67
CA CYS A 539 -15.16 -40.70 -6.35
C CYS A 539 -16.13 -41.69 -5.72
N THR A 540 -16.04 -41.82 -4.40
CA THR A 540 -16.94 -42.71 -3.63
C THR A 540 -17.40 -41.96 -2.39
N CYS A 541 -18.61 -42.27 -1.95
CA CYS A 541 -19.11 -41.77 -0.68
C CYS A 541 -20.10 -42.75 -0.03
N ASP A 542 -19.82 -43.08 1.23
CA ASP A 542 -20.77 -43.81 2.07
C ASP A 542 -22.02 -42.94 2.40
N ASP A 543 -22.89 -42.76 1.41
CA ASP A 543 -24.03 -41.86 1.58
C ASP A 543 -25.41 -42.40 1.17
N LYS A 544 -25.48 -43.69 0.80
CA LYS A 544 -26.78 -44.35 0.49
C LYS A 544 -27.60 -44.54 1.80
N VAL A 545 -27.87 -43.42 2.49
CA VAL A 545 -28.53 -43.38 3.81
C VAL A 545 -29.81 -42.50 3.66
N GLU A 546 -30.97 -43.10 3.92
CA GLU A 546 -32.29 -42.62 3.43
C GLU A 546 -32.62 -41.11 3.51
N ASN A 549 -39.27 -38.83 3.57
CA ASN A 549 -39.87 -38.03 4.62
C ASN A 549 -40.23 -36.64 4.08
N LYS A 550 -41.53 -36.33 3.98
CA LYS A 550 -42.01 -35.05 3.38
C LYS A 550 -41.70 -33.74 4.15
N LEU A 551 -41.58 -33.81 5.48
CA LEU A 551 -41.16 -32.67 6.33
C LEU A 551 -39.73 -32.15 5.92
N GLU A 552 -38.75 -33.04 6.00
CA GLU A 552 -37.33 -32.74 5.69
C GLU A 552 -36.94 -32.86 4.19
N GLU A 553 -37.95 -32.93 3.31
CA GLU A 553 -37.76 -33.00 1.85
C GLU A 553 -38.18 -31.75 1.10
N LEU A 554 -39.26 -31.10 1.56
CA LEU A 554 -39.55 -29.75 1.07
C LEU A 554 -38.43 -28.81 1.58
N ASN A 555 -37.95 -29.15 2.78
CA ASN A 555 -36.85 -28.48 3.45
C ASN A 555 -35.53 -28.43 2.63
N LYS A 556 -35.04 -29.60 2.20
CA LYS A 556 -33.82 -29.71 1.38
C LYS A 556 -33.97 -29.07 -0.02
N ARG A 557 -35.18 -29.16 -0.59
CA ARG A 557 -35.52 -28.48 -1.84
C ARG A 557 -35.36 -26.94 -1.78
N LEU A 558 -35.84 -26.33 -0.69
CA LEU A 558 -35.84 -24.86 -0.52
C LEU A 558 -34.43 -24.31 -0.24
N HIS A 559 -33.61 -25.13 0.45
CA HIS A 559 -32.21 -24.82 0.76
C HIS A 559 -31.38 -24.76 -0.52
N THR A 560 -31.65 -25.72 -1.42
CA THR A 560 -31.06 -25.76 -2.77
C THR A 560 -31.63 -24.65 -3.70
N LYS A 561 -32.79 -24.05 -3.37
CA LYS A 561 -33.37 -22.89 -4.12
C LYS A 561 -32.90 -21.53 -3.60
N GLY A 562 -32.18 -21.55 -2.47
CA GLY A 562 -31.65 -20.32 -1.87
C GLY A 562 -32.47 -19.76 -0.72
N SER A 563 -33.11 -20.63 0.06
CA SER A 563 -33.93 -20.17 1.22
C SER A 563 -33.14 -19.56 2.40
N THR A 564 -31.92 -20.06 2.63
CA THR A 564 -31.02 -19.49 3.65
C THR A 564 -29.97 -18.53 3.05
N LYS A 565 -30.16 -18.09 1.78
CA LYS A 565 -29.14 -17.23 1.13
C LYS A 565 -28.86 -15.87 1.83
N GLU A 566 -29.85 -15.34 2.56
CA GLU A 566 -29.74 -14.04 3.23
C GLU A 566 -28.87 -14.18 4.48
N ARG A 567 -28.79 -15.40 4.99
CA ARG A 567 -27.93 -15.78 6.11
C ARG A 567 -26.45 -15.83 5.66
N HIS A 568 -26.17 -16.48 4.54
CA HIS A 568 -24.79 -16.73 4.15
C HIS A 568 -24.22 -15.74 3.14
N LEU A 569 -25.09 -15.01 2.47
CA LEU A 569 -24.64 -13.96 1.58
C LEU A 569 -25.11 -12.58 2.07
N LEU A 570 -24.30 -11.98 2.95
CA LEU A 570 -24.71 -10.79 3.70
C LEU A 570 -24.66 -9.49 2.92
N TYR A 571 -23.78 -9.44 1.92
CA TYR A 571 -23.49 -8.18 1.23
C TYR A 571 -23.75 -8.30 -0.23
N GLY A 572 -24.60 -9.26 -0.60
CA GLY A 572 -24.93 -9.52 -2.00
C GLY A 572 -23.90 -10.47 -2.56
N ARG A 573 -24.16 -11.05 -3.72
CA ARG A 573 -23.11 -11.84 -4.35
C ARG A 573 -22.05 -10.93 -4.98
N PRO A 574 -20.79 -11.36 -4.98
CA PRO A 574 -19.76 -10.61 -5.68
C PRO A 574 -20.09 -10.46 -7.17
N ALA A 575 -19.70 -9.34 -7.75
CA ALA A 575 -19.88 -9.21 -9.19
C ALA A 575 -18.66 -9.77 -9.89
N VAL A 576 -18.89 -10.50 -10.99
CA VAL A 576 -17.84 -11.00 -11.83
C VAL A 576 -17.60 -9.96 -12.90
N LEU A 577 -16.38 -9.40 -12.91
CA LEU A 577 -16.05 -8.28 -13.78
C LEU A 577 -15.34 -8.69 -15.07
N TYR A 578 -15.41 -9.95 -15.46
CA TYR A 578 -14.79 -10.35 -16.73
C TYR A 578 -15.74 -11.40 -17.35
N ARG A 579 -15.50 -11.78 -18.61
CA ARG A 579 -16.35 -12.73 -19.36
C ARG A 579 -16.03 -14.15 -18.99
N THR A 580 -17.02 -14.86 -18.47
CA THR A 580 -16.78 -16.24 -18.06
C THR A 580 -18.10 -16.95 -17.91
N SER A 581 -18.05 -18.25 -17.69
CA SER A 581 -19.23 -19.06 -17.52
CA SER A 581 -19.25 -19.05 -17.50
C SER A 581 -19.23 -19.60 -16.10
N TYR A 582 -20.24 -19.23 -15.31
CA TYR A 582 -20.25 -19.69 -13.94
C TYR A 582 -21.67 -19.90 -13.41
N ASP A 583 -21.79 -20.72 -12.36
CA ASP A 583 -23.06 -21.07 -11.74
C ASP A 583 -23.15 -20.68 -10.29
N ILE A 584 -24.29 -20.15 -9.85
CA ILE A 584 -24.54 -19.98 -8.41
C ILE A 584 -25.09 -21.29 -7.87
N LEU A 585 -24.48 -21.82 -6.81
CA LEU A 585 -24.94 -23.01 -6.15
C LEU A 585 -25.35 -22.67 -4.72
N TYR A 586 -26.59 -23.02 -4.37
CA TYR A 586 -27.11 -22.79 -3.04
C TYR A 586 -27.05 -24.05 -2.19
N HIS A 587 -26.80 -23.85 -0.91
CA HIS A 587 -26.79 -24.96 0.06
C HIS A 587 -27.32 -24.41 1.37
N THR A 588 -27.71 -25.31 2.26
CA THR A 588 -28.10 -24.95 3.64
C THR A 588 -27.10 -24.02 4.33
N ASP A 589 -25.80 -24.39 4.28
CA ASP A 589 -24.75 -23.70 5.05
C ASP A 589 -23.86 -22.69 4.30
N PHE A 590 -23.96 -22.67 2.99
CA PHE A 590 -23.10 -21.86 2.15
C PHE A 590 -23.62 -21.73 0.75
N GLU A 591 -23.12 -20.68 0.09
CA GLU A 591 -23.44 -20.31 -1.28
CA GLU A 591 -23.47 -20.35 -1.26
C GLU A 591 -22.13 -20.17 -2.04
N SER A 592 -22.10 -20.66 -3.27
CA SER A 592 -20.89 -20.53 -4.06
C SER A 592 -21.18 -20.04 -5.48
N GLY A 593 -20.17 -19.42 -6.10
CA GLY A 593 -20.21 -19.09 -7.52
C GLY A 593 -19.17 -20.01 -8.15
N TYR A 594 -19.65 -21.03 -8.86
CA TYR A 594 -18.84 -22.16 -9.38
C TYR A 594 -18.42 -21.92 -10.84
N SER A 595 -17.12 -21.96 -11.10
CA SER A 595 -16.61 -21.61 -12.45
C SER A 595 -16.54 -22.88 -13.27
N GLU A 596 -17.29 -22.90 -14.37
CA GLU A 596 -17.25 -24.03 -15.31
C GLU A 596 -15.92 -24.09 -16.06
N ILE A 597 -15.22 -22.97 -16.11
CA ILE A 597 -13.92 -22.89 -16.79
C ILE A 597 -12.81 -23.43 -15.89
N PHE A 598 -12.74 -22.97 -14.64
CA PHE A 598 -11.67 -23.40 -13.75
C PHE A 598 -12.06 -24.64 -12.95
N LEU A 599 -13.32 -25.10 -13.08
CA LEU A 599 -13.81 -26.33 -12.42
C LEU A 599 -13.84 -26.24 -10.89
N MET A 600 -14.03 -25.03 -10.37
CA MET A 600 -14.09 -24.87 -8.91
C MET A 600 -14.74 -23.54 -8.58
N PRO A 601 -15.09 -23.34 -7.31
CA PRO A 601 -15.66 -22.01 -7.07
C PRO A 601 -14.65 -20.88 -7.24
N LEU A 602 -15.14 -19.76 -7.74
CA LEU A 602 -14.43 -18.49 -7.70
C LEU A 602 -14.56 -17.92 -6.30
N TRP A 603 -15.64 -18.29 -5.64
CA TRP A 603 -15.93 -17.79 -4.28
C TRP A 603 -16.92 -18.69 -3.60
N THR A 604 -16.78 -18.78 -2.29
CA THR A 604 -17.70 -19.52 -1.44
C THR A 604 -18.00 -18.63 -0.23
N SER A 605 -19.29 -18.41 0.09
CA SER A 605 -19.70 -17.46 1.12
C SER A 605 -20.51 -18.21 2.17
N TYR A 606 -20.13 -18.03 3.44
CA TYR A 606 -20.90 -18.59 4.54
C TYR A 606 -20.75 -17.76 5.82
N THR A 607 -21.77 -17.83 6.66
CA THR A 607 -21.78 -17.14 7.94
C THR A 607 -21.73 -18.16 9.12
N ILE A 608 -20.89 -17.85 10.11
CA ILE A 608 -20.64 -18.67 11.32
C ILE A 608 -20.99 -17.72 12.48
N SER A 609 -22.10 -17.99 13.17
CA SER A 609 -22.54 -17.15 14.28
C SER A 609 -21.69 -17.47 15.54
N LYS A 610 -21.70 -16.56 16.53
CA LYS A 610 -21.03 -16.82 17.83
C LYS A 610 -21.39 -18.19 18.46
N GLN A 611 -22.66 -18.58 18.31
CA GLN A 611 -23.27 -19.79 18.90
C GLN A 611 -22.87 -21.10 18.20
N ALA A 612 -22.46 -21.02 16.93
CA ALA A 612 -22.11 -22.19 16.09
C ALA A 612 -21.18 -23.19 16.74
N GLU A 613 -21.33 -24.46 16.35
CA GLU A 613 -20.53 -25.54 16.94
C GLU A 613 -19.64 -26.23 15.92
N VAL A 614 -18.39 -26.42 16.33
CA VAL A 614 -17.41 -27.20 15.58
C VAL A 614 -17.73 -28.68 15.81
N SER A 615 -17.72 -29.44 14.74
CA SER A 615 -17.88 -30.89 14.78
C SER A 615 -16.73 -31.46 13.97
N SER A 616 -16.47 -32.75 14.11
CA SER A 616 -15.46 -33.38 13.29
C SER A 616 -16.11 -34.09 12.10
N ILE A 617 -15.31 -34.38 11.09
CA ILE A 617 -15.71 -35.25 9.98
C ILE A 617 -15.86 -36.69 10.53
N PRO A 618 -17.09 -37.26 10.47
CA PRO A 618 -17.28 -38.69 10.82
C PRO A 618 -16.38 -39.61 9.97
N GLU A 619 -16.01 -40.76 10.52
CA GLU A 619 -15.10 -41.70 9.82
C GLU A 619 -15.60 -42.24 8.48
N HIS A 620 -16.89 -42.58 8.40
CA HIS A 620 -17.45 -43.07 7.15
C HIS A 620 -17.36 -42.04 6.00
N LEU A 621 -17.28 -40.75 6.38
CA LEU A 621 -17.16 -39.66 5.41
C LEU A 621 -15.73 -39.13 5.13
N THR A 622 -14.69 -39.75 5.71
CA THR A 622 -13.30 -39.24 5.60
C THR A 622 -12.85 -38.98 4.15
N ASN A 623 -13.13 -39.92 3.25
CA ASN A 623 -12.74 -39.74 1.85
C ASN A 623 -13.93 -39.56 0.94
N CYS A 624 -15.04 -39.13 1.52
CA CYS A 624 -16.27 -38.94 0.75
C CYS A 624 -16.16 -37.71 -0.19
N VAL A 625 -16.33 -37.95 -1.50
CA VAL A 625 -16.57 -36.90 -2.50
C VAL A 625 -17.82 -37.30 -3.30
N ARG A 626 -18.80 -36.39 -3.39
CA ARG A 626 -20.13 -36.66 -3.98
C ARG A 626 -20.30 -35.84 -5.23
N PRO A 627 -20.80 -36.47 -6.33
CA PRO A 627 -21.19 -35.71 -7.52
C PRO A 627 -22.26 -34.67 -7.24
N ASP A 628 -22.14 -33.51 -7.88
CA ASP A 628 -23.14 -32.48 -7.80
C ASP A 628 -24.10 -32.62 -9.01
N VAL A 629 -25.31 -33.07 -8.74
CA VAL A 629 -26.34 -33.33 -9.78
C VAL A 629 -26.81 -32.06 -10.51
N ARG A 630 -26.33 -30.88 -10.09
CA ARG A 630 -26.64 -29.62 -10.80
C ARG A 630 -25.56 -29.24 -11.85
N VAL A 631 -24.44 -29.93 -11.85
CA VAL A 631 -23.29 -29.51 -12.65
C VAL A 631 -22.81 -30.71 -13.46
N SER A 632 -22.54 -30.52 -14.75
CA SER A 632 -22.21 -31.65 -15.64
CA SER A 632 -22.19 -31.63 -15.65
C SER A 632 -20.89 -32.38 -15.25
N PRO A 633 -20.84 -33.74 -15.45
CA PRO A 633 -19.54 -34.42 -15.29
C PRO A 633 -18.41 -33.66 -16.00
N GLY A 634 -18.71 -33.14 -17.19
CA GLY A 634 -17.74 -32.44 -18.03
C GLY A 634 -17.22 -31.16 -17.38
N PHE A 635 -17.98 -30.58 -16.45
CA PHE A 635 -17.56 -29.36 -15.73
C PHE A 635 -17.22 -29.67 -14.29
N SER A 636 -16.88 -30.92 -14.01
CA SER A 636 -16.61 -31.33 -12.63
C SER A 636 -15.14 -31.75 -12.49
N GLN A 637 -14.60 -31.59 -11.29
CA GLN A 637 -13.33 -32.28 -10.99
C GLN A 637 -13.60 -33.79 -10.88
N ASN A 638 -12.55 -34.59 -10.78
CA ASN A 638 -12.69 -36.03 -10.55
C ASN A 638 -11.67 -36.45 -9.49
N CYS A 639 -12.01 -37.49 -8.72
CA CYS A 639 -11.13 -38.04 -7.69
C CYS A 639 -9.92 -38.78 -8.22
N LEU A 640 -10.01 -39.32 -9.43
CA LEU A 640 -8.92 -40.09 -10.01
C LEU A 640 -7.67 -39.26 -10.27
N ALA A 641 -7.84 -38.03 -10.76
CA ALA A 641 -6.71 -37.12 -10.93
C ALA A 641 -5.93 -36.95 -9.64
N TYR A 642 -6.64 -36.77 -8.50
CA TYR A 642 -5.99 -36.63 -7.21
C TYR A 642 -5.30 -37.89 -6.77
N LYS A 643 -5.87 -39.05 -7.08
CA LYS A 643 -5.22 -40.33 -6.74
C LYS A 643 -3.93 -40.45 -7.54
N ASN A 644 -4.02 -40.27 -8.85
CA ASN A 644 -2.84 -40.24 -9.70
C ASN A 644 -1.78 -39.21 -9.34
N ASP A 645 -2.20 -37.99 -9.00
CA ASP A 645 -1.27 -36.94 -8.60
C ASP A 645 -0.73 -37.19 -7.19
N LYS A 646 0.47 -37.73 -7.18
CA LYS A 646 1.22 -37.99 -5.97
C LYS A 646 1.64 -36.75 -5.18
N GLN A 647 1.77 -35.59 -5.83
CA GLN A 647 2.05 -34.32 -5.11
C GLN A 647 0.79 -33.62 -4.54
N MET A 648 -0.35 -33.81 -5.20
CA MET A 648 -1.49 -32.95 -4.99
C MET A 648 -2.59 -33.64 -4.22
N SER A 649 -3.16 -32.99 -3.22
CA SER A 649 -4.33 -33.55 -2.54
C SER A 649 -5.51 -32.57 -2.76
N TYR A 650 -6.53 -32.55 -1.90
CA TYR A 650 -7.63 -31.67 -2.07
C TYR A 650 -8.15 -31.25 -0.71
N GLY A 651 -8.81 -30.10 -0.69
CA GLY A 651 -9.48 -29.59 0.50
C GLY A 651 -10.83 -29.07 0.07
N PHE A 652 -11.51 -28.38 0.98
CA PHE A 652 -12.84 -27.87 0.72
C PHE A 652 -12.91 -26.41 1.11
N LEU A 653 -13.73 -25.66 0.38
CA LEU A 653 -13.83 -24.25 0.61
C LEU A 653 -14.76 -23.95 1.78
N PHE A 654 -15.94 -24.54 1.75
CA PHE A 654 -16.80 -24.52 2.94
C PHE A 654 -16.32 -25.67 3.82
N PRO A 655 -15.93 -25.37 5.08
CA PRO A 655 -15.32 -26.44 5.89
C PRO A 655 -16.42 -27.41 6.41
N PRO A 656 -16.27 -28.72 6.15
CA PRO A 656 -17.21 -29.70 6.75
C PRO A 656 -17.34 -29.60 8.31
N TYR A 657 -16.30 -29.11 9.00
CA TYR A 657 -16.33 -28.92 10.48
C TYR A 657 -17.40 -27.99 10.94
N LEU A 658 -17.89 -27.11 10.07
CA LEU A 658 -18.82 -26.09 10.51
C LEU A 658 -20.21 -26.29 9.95
N SER A 659 -20.44 -27.50 9.45
CA SER A 659 -21.78 -27.89 9.00
C SER A 659 -22.83 -27.70 10.11
N SER A 660 -24.04 -27.26 9.75
CA SER A 660 -25.02 -26.94 10.79
C SER A 660 -25.69 -28.19 11.36
N SER A 661 -25.64 -29.30 10.63
CA SER A 661 -26.29 -30.55 11.03
C SER A 661 -25.64 -31.76 10.31
N PRO A 662 -25.77 -32.99 10.89
CA PRO A 662 -25.33 -34.18 10.18
C PRO A 662 -25.79 -34.23 8.73
N GLU A 663 -27.05 -33.86 8.44
CA GLU A 663 -27.54 -33.93 7.06
C GLU A 663 -26.93 -32.85 6.15
N ALA A 664 -26.86 -31.62 6.66
CA ALA A 664 -26.15 -30.53 5.96
C ALA A 664 -24.68 -30.87 5.64
N LYS A 665 -24.01 -31.66 6.49
CA LYS A 665 -22.63 -32.00 6.24
C LYS A 665 -22.34 -32.63 4.89
N TYR A 666 -23.31 -33.38 4.34
CA TYR A 666 -23.13 -34.03 3.03
C TYR A 666 -22.89 -33.02 1.93
N ASP A 667 -23.49 -31.83 2.03
CA ASP A 667 -23.24 -30.74 1.04
C ASP A 667 -21.79 -30.35 0.97
N ALA A 668 -21.10 -30.40 2.09
CA ALA A 668 -19.68 -29.96 2.14
C ALA A 668 -18.75 -30.92 1.40
N PHE A 669 -19.24 -32.12 1.10
CA PHE A 669 -18.44 -33.09 0.36
C PHE A 669 -18.73 -33.14 -1.14
N LEU A 670 -19.55 -32.19 -1.62
CA LEU A 670 -19.79 -32.07 -3.05
C LEU A 670 -18.52 -31.78 -3.80
N VAL A 671 -18.41 -32.34 -4.98
CA VAL A 671 -17.20 -32.22 -5.82
C VAL A 671 -17.04 -30.78 -6.25
N THR A 672 -18.14 -30.03 -6.14
CA THR A 672 -18.14 -28.64 -6.48
C THR A 672 -17.66 -27.72 -5.35
N ASN A 673 -17.31 -28.28 -4.20
CA ASN A 673 -16.83 -27.50 -3.06
C ASN A 673 -15.32 -27.83 -2.88
N MET A 674 -14.80 -28.69 -3.75
CA MET A 674 -13.44 -29.26 -3.63
CA MET A 674 -13.43 -29.19 -3.56
C MET A 674 -12.44 -28.40 -4.40
N VAL A 675 -11.24 -28.22 -3.84
CA VAL A 675 -10.16 -27.44 -4.46
C VAL A 675 -8.83 -28.16 -4.29
N PRO A 676 -7.91 -27.98 -5.24
CA PRO A 676 -6.65 -28.73 -5.08
C PRO A 676 -5.76 -28.09 -4.03
N MET A 677 -5.13 -28.93 -3.21
CA MET A 677 -4.26 -28.53 -2.10
C MET A 677 -3.13 -29.51 -1.89
N TYR A 678 -1.91 -28.98 -1.86
CA TYR A 678 -0.76 -29.73 -1.41
C TYR A 678 -0.99 -30.18 0.03
N PRO A 679 -0.53 -31.41 0.37
CA PRO A 679 -0.56 -31.84 1.80
C PRO A 679 0.05 -30.82 2.76
N ALA A 680 1.17 -30.18 2.40
CA ALA A 680 1.74 -29.19 3.31
C ALA A 680 0.77 -27.99 3.57
N PHE A 681 0.08 -27.56 2.53
CA PHE A 681 -0.89 -26.48 2.69
C PHE A 681 -2.17 -26.90 3.41
N LYS A 682 -2.59 -28.16 3.27
CA LYS A 682 -3.75 -28.70 4.06
C LYS A 682 -3.62 -28.55 5.58
N ARG A 683 -2.41 -28.73 6.10
CA ARG A 683 -2.12 -28.37 7.51
C ARG A 683 -2.53 -26.94 7.82
N VAL A 684 -2.10 -25.99 6.96
CA VAL A 684 -2.48 -24.60 7.15
C VAL A 684 -4.02 -24.44 7.12
N TRP A 685 -4.62 -24.90 6.02
CA TRP A 685 -6.04 -24.81 5.73
C TRP A 685 -6.97 -25.45 6.78
N ALA A 686 -6.62 -26.65 7.20
CA ALA A 686 -7.38 -27.37 8.22
C ALA A 686 -7.43 -26.62 9.55
N TYR A 687 -6.28 -26.06 9.95
CA TYR A 687 -6.24 -25.32 11.19
C TYR A 687 -7.07 -24.03 11.12
N PHE A 688 -6.93 -23.30 10.02
CA PHE A 688 -7.76 -22.12 9.79
C PHE A 688 -9.26 -22.49 9.89
N GLN A 689 -9.69 -23.51 9.15
CA GLN A 689 -11.10 -23.91 9.12
C GLN A 689 -11.66 -24.57 10.42
N ARG A 690 -10.86 -25.43 11.07
CA ARG A 690 -11.25 -26.13 12.30
C ARG A 690 -11.17 -25.25 13.55
N VAL A 691 -10.11 -24.44 13.68
CA VAL A 691 -9.87 -23.68 14.90
C VAL A 691 -10.17 -22.17 14.71
N LEU A 692 -9.55 -21.55 13.72
CA LEU A 692 -9.56 -20.09 13.64
C LEU A 692 -10.89 -19.47 13.30
N VAL A 693 -11.61 -20.05 12.33
CA VAL A 693 -12.93 -19.48 11.96
C VAL A 693 -13.83 -19.39 13.23
N LYS A 694 -13.91 -20.48 13.99
CA LYS A 694 -14.71 -20.50 15.23
C LYS A 694 -14.20 -19.43 16.22
N LYS A 695 -12.89 -19.38 16.40
CA LYS A 695 -12.28 -18.36 17.28
C LYS A 695 -12.66 -16.94 16.88
N TYR A 696 -12.59 -16.62 15.58
CA TYR A 696 -13.02 -15.29 15.15
C TYR A 696 -14.50 -15.07 15.37
N ALA A 697 -15.32 -16.09 15.12
CA ALA A 697 -16.76 -15.91 15.31
C ALA A 697 -17.04 -15.57 16.79
N SER A 698 -16.33 -16.25 17.67
CA SER A 698 -16.40 -16.07 19.12
C SER A 698 -15.97 -14.64 19.56
N GLU A 699 -14.79 -14.18 19.11
CA GLU A 699 -14.29 -12.84 19.35
C GLU A 699 -15.07 -11.72 18.65
N ARG A 700 -15.70 -11.96 17.48
CA ARG A 700 -16.24 -10.84 16.70
C ARG A 700 -17.76 -10.88 16.70
N ASN A 701 -18.32 -11.88 17.40
CA ASN A 701 -19.78 -12.05 17.49
C ASN A 701 -20.39 -12.44 16.10
N GLY A 702 -19.92 -13.57 15.60
CA GLY A 702 -20.27 -14.00 14.24
C GLY A 702 -19.28 -13.43 13.24
N VAL A 703 -19.03 -14.21 12.19
CA VAL A 703 -18.30 -13.75 11.00
C VAL A 703 -18.96 -14.25 9.74
N ASN A 704 -18.97 -13.38 8.74
CA ASN A 704 -19.16 -13.83 7.39
C ASN A 704 -17.80 -14.10 6.71
N VAL A 705 -17.69 -15.25 6.07
CA VAL A 705 -16.46 -15.66 5.38
C VAL A 705 -16.70 -15.86 3.90
N ILE A 706 -15.87 -15.23 3.05
CA ILE A 706 -15.80 -15.54 1.63
C ILE A 706 -14.41 -16.06 1.36
N SER A 707 -14.34 -17.29 0.87
CA SER A 707 -13.08 -17.89 0.53
C SER A 707 -13.05 -18.29 -0.94
N GLY A 708 -11.84 -18.46 -1.49
CA GLY A 708 -11.74 -18.89 -2.88
C GLY A 708 -10.31 -19.07 -3.31
N PRO A 709 -10.08 -19.52 -4.54
CA PRO A 709 -8.72 -19.67 -5.06
C PRO A 709 -8.26 -18.39 -5.75
N ILE A 710 -6.95 -18.22 -5.85
CA ILE A 710 -6.37 -17.15 -6.68
C ILE A 710 -5.36 -17.78 -7.62
N PHE A 711 -5.34 -17.33 -8.88
CA PHE A 711 -4.32 -17.76 -9.82
C PHE A 711 -3.52 -16.55 -10.26
N ASP A 712 -2.27 -16.49 -9.81
CA ASP A 712 -1.38 -15.43 -10.24
C ASP A 712 0.01 -15.98 -10.65
N TYR A 713 0.05 -16.83 -11.68
CA TYR A 713 1.30 -17.39 -12.15
C TYR A 713 2.34 -16.41 -12.72
N ASN A 714 1.91 -15.23 -13.17
CA ASN A 714 2.85 -14.25 -13.67
C ASN A 714 3.10 -13.10 -12.66
N TYR A 715 2.69 -13.34 -11.40
CA TYR A 715 2.90 -12.45 -10.26
C TYR A 715 2.75 -10.95 -10.58
N ASP A 716 1.71 -10.62 -11.34
CA ASP A 716 1.44 -9.20 -11.61
C ASP A 716 0.35 -8.61 -10.70
N GLY A 717 -0.13 -9.44 -9.75
CA GLY A 717 -1.17 -9.00 -8.79
C GLY A 717 -2.54 -9.00 -9.46
N LEU A 718 -2.64 -9.56 -10.65
CA LEU A 718 -3.91 -9.51 -11.36
C LEU A 718 -4.39 -10.91 -11.74
N ARG A 719 -5.70 -11.09 -11.73
CA ARG A 719 -6.32 -12.35 -12.12
C ARG A 719 -5.69 -12.95 -13.43
N ASP A 720 -5.20 -14.19 -13.40
CA ASP A 720 -4.78 -14.87 -14.64
C ASP A 720 -5.97 -15.30 -15.51
N THR A 721 -5.79 -15.24 -16.82
CA THR A 721 -6.75 -15.87 -17.77
C THR A 721 -6.35 -17.35 -17.82
N GLU A 722 -7.19 -18.24 -18.34
CA GLU A 722 -6.86 -19.69 -18.32
C GLU A 722 -5.55 -20.06 -19.03
N ASP A 723 -5.19 -19.30 -20.06
CA ASP A 723 -3.97 -19.60 -20.80
C ASP A 723 -2.66 -19.21 -20.07
N GLU A 724 -2.77 -18.68 -18.86
CA GLU A 724 -1.61 -18.27 -18.03
C GLU A 724 -1.25 -19.30 -16.95
N ILE A 725 -2.09 -20.32 -16.82
CA ILE A 725 -1.97 -21.29 -15.73
C ILE A 725 -0.82 -22.24 -16.01
N LYS A 726 0.16 -22.32 -15.11
CA LYS A 726 1.35 -23.15 -15.36
C LYS A 726 1.25 -24.54 -14.78
N GLN A 727 0.24 -24.81 -13.96
CA GLN A 727 0.16 -26.12 -13.29
C GLN A 727 -1.28 -26.62 -13.15
N TYR A 728 -1.45 -27.91 -13.42
CA TYR A 728 -2.74 -28.62 -13.36
C TYR A 728 -2.54 -29.83 -12.49
N VAL A 729 -3.62 -30.31 -11.90
CA VAL A 729 -3.59 -31.61 -11.25
C VAL A 729 -3.31 -32.63 -12.37
N GLU A 730 -2.33 -33.48 -12.13
CA GLU A 730 -1.78 -34.39 -13.14
C GLU A 730 -2.83 -35.16 -13.88
N GLY A 731 -2.78 -35.03 -15.21
CA GLY A 731 -3.66 -35.77 -16.12
C GLY A 731 -5.04 -35.18 -16.24
N SER A 732 -5.24 -33.95 -15.78
CA SER A 732 -6.56 -33.34 -15.77
C SER A 732 -6.44 -31.90 -16.22
N SER A 733 -7.59 -31.27 -16.40
CA SER A 733 -7.63 -29.82 -16.65
C SER A 733 -7.99 -29.03 -15.37
N ILE A 734 -7.74 -29.61 -14.19
CA ILE A 734 -7.98 -28.91 -12.92
C ILE A 734 -6.76 -28.00 -12.68
N PRO A 735 -6.94 -26.66 -12.79
CA PRO A 735 -5.82 -25.75 -12.55
C PRO A 735 -5.47 -25.61 -11.04
N VAL A 736 -4.20 -25.38 -10.73
CA VAL A 736 -3.73 -25.37 -9.37
C VAL A 736 -3.63 -23.87 -9.00
N PRO A 737 -4.34 -23.45 -7.94
CA PRO A 737 -4.22 -22.06 -7.49
C PRO A 737 -2.83 -21.77 -6.97
N THR A 738 -2.40 -20.52 -7.14
CA THR A 738 -1.16 -20.05 -6.51
C THR A 738 -1.44 -19.61 -5.06
N HIS A 739 -2.67 -19.23 -4.76
CA HIS A 739 -3.02 -18.68 -3.46
C HIS A 739 -4.47 -19.05 -3.10
N TYR A 740 -4.76 -19.07 -1.79
CA TYR A 740 -6.16 -19.09 -1.31
C TYR A 740 -6.40 -17.87 -0.46
N TYR A 741 -7.56 -17.22 -0.67
CA TYR A 741 -7.95 -15.99 0.06
C TYR A 741 -9.08 -16.31 1.03
N SER A 742 -9.24 -15.48 2.05
CA SER A 742 -10.51 -15.44 2.79
C SER A 742 -10.73 -14.00 3.19
N ILE A 743 -12.00 -13.57 3.22
CA ILE A 743 -12.43 -12.26 3.62
C ILE A 743 -13.42 -12.46 4.75
N ILE A 744 -13.11 -11.89 5.90
CA ILE A 744 -13.83 -12.23 7.13
C ILE A 744 -14.42 -10.93 7.63
N THR A 745 -15.74 -10.82 7.52
CA THR A 745 -16.45 -9.61 7.79
C THR A 745 -17.33 -9.82 9.03
N SER A 746 -17.43 -8.78 9.84
CA SER A 746 -18.42 -8.73 10.93
C SER A 746 -18.85 -7.27 11.18
N CYS A 747 -19.60 -7.05 12.26
CA CYS A 747 -20.10 -5.68 12.59
C CYS A 747 -19.03 -4.92 13.32
N LEU A 748 -18.81 -3.65 12.98
CA LEU A 748 -17.78 -2.86 13.69
C LEU A 748 -18.23 -2.71 15.15
N ASP A 749 -19.53 -2.56 15.36
CA ASP A 749 -20.06 -2.63 16.72
C ASP A 749 -20.32 -4.12 17.04
N PHE A 750 -19.33 -4.75 17.65
CA PHE A 750 -19.37 -6.17 17.98
C PHE A 750 -20.44 -6.63 19.00
N THR A 751 -21.22 -5.68 19.49
CA THR A 751 -22.37 -6.01 20.34
C THR A 751 -23.55 -6.44 19.48
N GLN A 752 -23.50 -6.15 18.18
CA GLN A 752 -24.45 -6.75 17.21
C GLN A 752 -23.84 -7.95 16.45
N PRO A 753 -24.64 -9.02 16.22
CA PRO A 753 -24.08 -10.18 15.51
C PRO A 753 -23.86 -9.88 14.03
N ALA A 754 -22.93 -10.60 13.41
CA ALA A 754 -22.57 -10.32 12.00
C ALA A 754 -23.78 -10.30 11.06
N ASP A 755 -24.69 -11.25 11.19
CA ASP A 755 -25.91 -11.30 10.33
C ASP A 755 -27.05 -10.29 10.66
N LYS A 756 -26.87 -9.45 11.67
CA LYS A 756 -27.87 -8.39 11.99
C LYS A 756 -27.13 -7.15 12.42
N CYS A 757 -26.34 -6.58 11.51
CA CYS A 757 -25.46 -5.46 11.81
C CYS A 757 -26.10 -4.24 11.19
N ASP A 758 -26.27 -3.18 11.97
CA ASP A 758 -27.01 -2.01 11.52
C ASP A 758 -26.17 -0.88 10.95
N GLY A 759 -24.86 -0.93 11.18
CA GLY A 759 -23.96 0.17 10.85
C GLY A 759 -22.70 -0.28 10.13
N PRO A 760 -21.55 0.35 10.43
CA PRO A 760 -20.31 -0.02 9.73
C PRO A 760 -19.80 -1.43 9.97
N LEU A 761 -19.01 -1.91 9.00
CA LEU A 761 -18.49 -3.25 9.02
C LEU A 761 -17.06 -3.27 9.46
N SER A 762 -16.56 -4.43 9.84
CA SER A 762 -15.17 -4.66 10.20
C SER A 762 -14.66 -5.87 9.36
N VAL A 763 -13.47 -5.75 8.78
CA VAL A 763 -12.98 -6.80 7.89
C VAL A 763 -11.55 -7.13 8.22
N SER A 764 -11.17 -8.38 8.12
CA SER A 764 -9.78 -8.77 7.89
C SER A 764 -9.73 -9.86 6.80
N SER A 765 -8.63 -9.94 6.08
CA SER A 765 -8.52 -10.85 4.95
C SER A 765 -7.12 -11.33 4.85
N PHE A 766 -6.94 -12.41 4.09
CA PHE A 766 -5.60 -12.89 3.78
C PHE A 766 -5.57 -13.55 2.39
N ILE A 767 -4.36 -13.66 1.84
CA ILE A 767 -4.05 -14.31 0.59
C ILE A 767 -2.89 -15.24 0.96
N LEU A 768 -3.20 -16.52 1.23
CA LEU A 768 -2.19 -17.45 1.69
C LEU A 768 -1.53 -18.06 0.48
N PRO A 769 -0.18 -18.09 0.42
CA PRO A 769 0.40 -18.77 -0.76
C PRO A 769 0.18 -20.27 -0.68
N HIS A 770 -0.19 -20.86 -1.80
CA HIS A 770 -0.48 -22.26 -1.86
C HIS A 770 0.81 -23.02 -2.15
N ARG A 771 1.58 -23.38 -1.14
CA ARG A 771 2.97 -23.87 -1.34
C ARG A 771 3.09 -25.38 -1.01
N PRO A 772 3.91 -26.16 -1.78
CA PRO A 772 4.04 -27.58 -1.52
C PRO A 772 4.85 -27.93 -0.28
N ASP A 773 5.38 -26.92 0.42
CA ASP A 773 6.15 -27.10 1.64
C ASP A 773 5.81 -25.96 2.58
N ASN A 774 6.14 -26.13 3.84
CA ASN A 774 6.12 -25.04 4.78
C ASN A 774 7.48 -24.46 5.13
N ASP A 775 8.38 -24.38 4.15
CA ASP A 775 9.75 -23.83 4.41
C ASP A 775 9.75 -22.40 4.94
N GLU A 776 8.75 -21.63 4.54
CA GLU A 776 8.55 -20.28 5.02
C GLU A 776 8.39 -20.21 6.53
N SER A 777 7.75 -21.21 7.15
CA SER A 777 7.58 -21.17 8.59
C SER A 777 8.63 -22.08 9.29
N CYS A 778 9.65 -21.47 9.89
CA CYS A 778 10.77 -22.22 10.51
C CYS A 778 10.39 -23.19 11.62
N ASN A 779 9.26 -22.96 12.27
CA ASN A 779 8.75 -23.84 13.31
C ASN A 779 7.57 -24.71 12.86
N SER A 780 7.49 -25.03 11.57
CA SER A 780 6.37 -25.84 11.05
C SER A 780 6.32 -27.33 11.44
N SER A 781 7.40 -27.88 11.96
CA SER A 781 7.31 -29.26 12.52
C SER A 781 6.58 -29.29 13.88
N GLU A 782 6.34 -28.14 14.49
CA GLU A 782 5.55 -28.04 15.70
C GLU A 782 4.03 -28.04 15.41
N ASP A 783 3.22 -27.95 16.46
CA ASP A 783 1.77 -27.98 16.30
C ASP A 783 1.32 -26.71 15.56
N GLU A 784 0.34 -26.86 14.67
CA GLU A 784 -0.22 -25.74 13.91
C GLU A 784 -0.52 -24.53 14.80
N SER A 785 -0.84 -24.80 16.07
CA SER A 785 -1.13 -23.74 17.05
C SER A 785 0.07 -22.82 17.35
N LYS A 786 1.27 -23.22 16.91
CA LYS A 786 2.46 -22.39 17.16
C LYS A 786 3.01 -21.66 15.92
N TRP A 787 2.42 -21.85 14.74
CA TRP A 787 2.95 -21.26 13.51
C TRP A 787 1.93 -20.80 12.46
N VAL A 788 0.74 -21.40 12.46
CA VAL A 788 -0.21 -21.12 11.39
C VAL A 788 -0.76 -19.70 11.47
N GLU A 789 -1.24 -19.29 12.64
CA GLU A 789 -1.77 -17.96 12.74
C GLU A 789 -0.75 -16.83 12.38
N GLU A 790 0.50 -17.01 12.80
CA GLU A 790 1.60 -16.15 12.44
C GLU A 790 1.82 -16.07 10.91
N LEU A 791 1.73 -17.19 10.22
CA LEU A 791 1.79 -17.22 8.78
C LEU A 791 0.64 -16.42 8.16
N MET A 792 -0.56 -16.57 8.70
CA MET A 792 -1.71 -15.90 8.14
C MET A 792 -1.57 -14.42 8.31
N LYS A 793 -1.15 -14.00 9.49
CA LYS A 793 -0.89 -12.59 9.84
C LYS A 793 0.09 -11.95 8.88
N MET A 794 1.17 -12.68 8.54
CA MET A 794 2.15 -12.26 7.53
CA MET A 794 2.14 -12.22 7.54
C MET A 794 1.52 -12.02 6.16
N HIS A 795 0.50 -12.80 5.84
CA HIS A 795 -0.14 -12.73 4.53
C HIS A 795 -1.51 -12.08 4.60
N THR A 796 -1.66 -11.18 5.58
CA THR A 796 -2.79 -10.31 5.68
C THR A 796 -2.97 -9.49 4.34
N ALA A 797 -4.21 -9.13 3.98
CA ALA A 797 -4.45 -8.49 2.69
C ALA A 797 -5.61 -7.50 2.78
N ARG A 798 -5.66 -6.59 1.81
CA ARG A 798 -6.87 -5.75 1.65
C ARG A 798 -7.82 -6.51 0.77
N VAL A 799 -9.13 -6.26 0.94
CA VAL A 799 -10.12 -6.82 0.03
C VAL A 799 -9.79 -6.37 -1.44
N ARG A 800 -9.33 -5.14 -1.59
CA ARG A 800 -8.98 -4.60 -2.88
C ARG A 800 -7.88 -5.46 -3.55
N ASP A 801 -6.96 -6.00 -2.74
CA ASP A 801 -5.88 -6.83 -3.30
C ASP A 801 -6.54 -8.09 -3.89
N ILE A 802 -7.54 -8.59 -3.18
CA ILE A 802 -8.19 -9.81 -3.58
C ILE A 802 -9.05 -9.53 -4.84
N GLU A 803 -9.69 -8.37 -4.92
CA GLU A 803 -10.41 -7.92 -6.15
C GLU A 803 -9.52 -7.94 -7.41
N HIS A 804 -8.34 -7.34 -7.30
CA HIS A 804 -7.36 -7.33 -8.43
C HIS A 804 -7.06 -8.78 -8.84
N LEU A 805 -6.85 -9.65 -7.86
CA LEU A 805 -6.41 -11.00 -8.08
C LEU A 805 -7.45 -11.94 -8.62
N THR A 806 -8.76 -11.63 -8.45
CA THR A 806 -9.86 -12.54 -8.78
C THR A 806 -10.79 -11.96 -9.84
N GLY A 807 -10.77 -10.64 -10.04
CA GLY A 807 -11.74 -10.01 -11.02
C GLY A 807 -13.14 -9.93 -10.47
N LEU A 808 -13.26 -10.03 -9.16
CA LEU A 808 -14.53 -9.97 -8.43
C LEU A 808 -14.67 -8.62 -7.71
N ASP A 809 -15.89 -8.22 -7.41
CA ASP A 809 -16.13 -6.95 -6.74
C ASP A 809 -17.13 -7.26 -5.62
N PHE A 810 -16.67 -7.10 -4.37
CA PHE A 810 -17.37 -7.49 -3.13
C PHE A 810 -18.20 -6.33 -2.56
N TYR A 811 -18.95 -6.60 -1.49
CA TYR A 811 -19.84 -5.63 -0.83
C TYR A 811 -20.78 -4.83 -1.77
N ARG A 812 -21.38 -5.50 -2.75
CA ARG A 812 -22.23 -4.87 -3.77
C ARG A 812 -23.56 -4.43 -3.17
N LYS A 813 -24.03 -5.09 -2.12
CA LYS A 813 -25.36 -4.80 -1.56
C LYS A 813 -25.27 -4.60 -0.06
N THR A 814 -24.94 -3.40 0.36
CA THR A 814 -24.98 -3.06 1.79
C THR A 814 -25.79 -1.79 1.90
N SER A 815 -26.10 -1.41 3.13
N SER A 815 -26.15 -1.43 3.12
CA SER A 815 -26.79 -0.14 3.40
CA SER A 815 -26.75 -0.12 3.35
C SER A 815 -25.82 1.07 3.47
C SER A 815 -25.71 0.82 3.97
N ARG A 816 -24.52 0.80 3.37
CA ARG A 816 -23.47 1.79 3.60
C ARG A 816 -23.18 2.60 2.34
N SER A 817 -22.67 3.81 2.52
CA SER A 817 -22.25 4.67 1.41
C SER A 817 -21.09 3.98 0.59
N TYR A 818 -21.01 4.22 -0.70
CA TYR A 818 -20.04 3.50 -1.50
C TYR A 818 -18.63 3.90 -1.10
N SER A 819 -18.43 5.19 -0.81
CA SER A 819 -17.14 5.69 -0.36
CA SER A 819 -17.11 5.64 -0.43
C SER A 819 -16.66 5.01 0.89
N GLU A 820 -17.59 4.77 1.80
CA GLU A 820 -17.27 4.03 3.03
C GLU A 820 -16.88 2.59 2.73
N ILE A 821 -17.53 2.01 1.73
CA ILE A 821 -17.23 0.64 1.34
C ILE A 821 -15.81 0.65 0.74
N LEU A 822 -15.53 1.67 -0.06
CA LEU A 822 -14.21 1.76 -0.71
C LEU A 822 -13.09 1.82 0.35
N THR A 823 -13.30 2.64 1.38
CA THR A 823 -12.43 2.72 2.56
C THR A 823 -12.26 1.34 3.20
N LEU A 824 -13.35 0.63 3.44
CA LEU A 824 -13.29 -0.73 3.99
C LEU A 824 -12.48 -1.69 3.10
N LYS A 825 -12.65 -1.56 1.78
CA LYS A 825 -11.94 -2.43 0.83
C LYS A 825 -10.43 -2.17 0.81
N THR A 826 -10.00 -0.97 1.23
CA THR A 826 -8.56 -0.64 1.34
C THR A 826 -7.96 -0.92 2.71
N TYR A 827 -8.79 -1.18 3.72
CA TYR A 827 -8.32 -1.53 5.06
C TYR A 827 -7.35 -2.71 5.05
N LEU A 828 -6.28 -2.60 5.81
CA LEU A 828 -5.35 -3.72 5.98
C LEU A 828 -5.27 -3.98 7.47
N HIS A 829 -5.60 -5.19 7.90
CA HIS A 829 -5.39 -5.53 9.29
C HIS A 829 -3.91 -5.88 9.47
N THR A 830 -3.15 -5.07 10.22
N THR A 830 -3.18 -4.99 10.16
CA THR A 830 -1.67 -5.23 10.25
CA THR A 830 -1.88 -5.36 10.65
C THR A 830 -1.05 -6.14 11.34
C THR A 830 -2.09 -5.84 12.09
N TYR A 831 -1.73 -6.29 12.48
N TYR A 831 -1.18 -6.68 12.52
CA TYR A 831 -1.25 -7.17 13.57
CA TYR A 831 -1.27 -7.22 13.83
C TYR A 831 0.04 -6.71 14.25
C TYR A 831 -0.16 -6.61 14.67
N GLU A 832 0.24 -5.39 14.32
CA GLU A 832 1.28 -4.70 15.04
C GLU A 832 0.58 -4.19 16.32
N SER A 833 1.32 -4.05 17.42
CA SER A 833 0.73 -3.46 18.65
C SER A 833 0.52 -1.91 18.56
N GLU A 834 -0.03 -1.32 19.63
CA GLU A 834 -0.37 0.12 19.71
C GLU A 834 0.84 1.07 19.62
C1 NAG B . -1.25 -0.52 -10.62
C2 NAG B . -1.73 -1.87 -11.11
C3 NAG B . -1.11 -2.15 -12.48
C4 NAG B . -1.37 -1.02 -13.47
C5 NAG B . -1.15 0.37 -12.88
C6 NAG B . -1.65 1.50 -13.78
C7 NAG B . -2.35 -3.65 -9.49
C8 NAG B . -1.86 -4.76 -8.60
N2 NAG B . -1.41 -2.96 -10.18
O3 NAG B . -1.73 -3.29 -13.04
O4 NAG B . -0.44 -1.23 -14.52
O5 NAG B . -1.75 0.46 -11.59
O6 NAG B . -3.08 1.30 -13.90
O7 NAG B . -3.55 -3.37 -9.52
C1 NAG B . -1.03 -1.27 -15.81
C2 NAG B . 0.12 -0.85 -16.72
C3 NAG B . -0.33 -0.97 -18.17
C4 NAG B . -0.88 -2.39 -18.46
C5 NAG B . -1.98 -2.82 -17.45
C6 NAG B . -2.31 -4.33 -17.59
C7 NAG B . 1.59 0.85 -15.64
C8 NAG B . 1.90 2.33 -15.49
N2 NAG B . 0.55 0.52 -16.44
O3 NAG B . 0.80 -0.61 -19.00
O4 NAG B . -1.43 -2.50 -19.77
O5 NAG B . -1.57 -2.57 -16.09
O6 NAG B . -1.16 -5.12 -17.21
O7 NAG B . 2.30 0.03 -15.05
C1 BMA B . -0.48 -3.00 -20.74
C2 BMA B . -1.23 -3.87 -21.75
C3 BMA B . -0.42 -4.12 -23.05
C4 BMA B . 0.16 -2.81 -23.62
C5 BMA B . 0.97 -2.06 -22.57
C6 BMA B . 1.41 -0.69 -23.07
O2 BMA B . -2.49 -3.25 -22.03
O3 BMA B . -1.23 -4.81 -24.04
O4 BMA B . 1.03 -3.05 -24.73
O5 BMA B . 0.19 -1.87 -21.37
O6 BMA B . 1.85 0.00 -21.91
C1 MAN B . 2.69 1.16 -22.13
C2 MAN B . 3.89 1.11 -21.15
C3 MAN B . 3.53 1.65 -19.73
C4 MAN B . 2.78 2.99 -19.84
C5 MAN B . 1.55 2.88 -20.76
C6 MAN B . 0.75 4.18 -20.92
O2 MAN B . 5.05 1.79 -21.65
O3 MAN B . 4.66 1.83 -18.85
O4 MAN B . 2.47 3.49 -18.53
O5 MAN B . 1.97 2.40 -22.06
O6 MAN B . 1.57 5.34 -21.20
C1 MAN B . 5.28 0.61 -18.38
C2 MAN B . 5.66 0.69 -16.88
C3 MAN B . 6.76 1.77 -16.71
C4 MAN B . 7.99 1.53 -17.60
C5 MAN B . 7.64 1.02 -19.01
C6 MAN B . 8.78 0.15 -19.48
O2 MAN B . 6.19 -0.60 -16.48
O3 MAN B . 7.28 1.84 -15.36
O4 MAN B . 8.77 2.73 -17.62
O5 MAN B . 6.45 0.21 -19.14
O6 MAN B . 8.59 0.08 -20.89
C1 MAN B . 5.30 -1.45 -15.73
C2 MAN B . 6.20 -2.46 -14.99
C3 MAN B . 6.62 -3.60 -15.94
C4 MAN B . 5.45 -4.22 -16.74
C5 MAN B . 4.65 -3.12 -17.48
C6 MAN B . 3.46 -3.68 -18.27
O2 MAN B . 5.50 -3.09 -13.90
O3 MAN B . 7.20 -4.56 -15.07
O4 MAN B . 5.90 -5.23 -17.67
O5 MAN B . 4.24 -2.07 -16.53
O6 MAN B . 2.90 -2.65 -19.10
C1 MAN B . -0.97 -6.26 -24.15
C2 MAN B . -0.94 -6.70 -25.63
C3 MAN B . -2.33 -6.88 -26.31
C4 MAN B . -3.50 -7.23 -25.38
C5 MAN B . -3.27 -6.87 -23.89
C6 MAN B . -4.36 -7.45 -22.97
O2 MAN B . -0.20 -7.94 -25.73
O3 MAN B . -2.29 -7.92 -27.31
O4 MAN B . -4.66 -6.51 -25.86
O5 MAN B . -1.92 -7.10 -23.42
O6 MAN B . -5.45 -6.52 -22.98
C1 MAN B . 1.01 -7.73 -26.51
C2 MAN B . 1.22 -8.90 -27.50
C3 MAN B . 1.55 -10.16 -26.66
C4 MAN B . 2.79 -9.91 -25.77
C5 MAN B . 2.56 -8.68 -24.85
C6 MAN B . 3.76 -8.27 -23.99
O2 MAN B . 2.25 -8.54 -28.43
O3 MAN B . 1.63 -11.38 -27.43
O4 MAN B . 3.08 -11.09 -25.03
O5 MAN B . 2.16 -7.54 -25.65
O6 MAN B . 4.93 -7.94 -24.77
C10 Y1F C . 19.19 13.32 -2.10
C13 Y1F C . 13.98 15.49 -3.76
C16 Y1F C . 12.93 13.73 -5.15
C17 Y1F C . 11.84 13.09 -5.66
C19 Y1F C . 10.41 14.42 -4.39
C20 Y1F C . 11.45 15.16 -3.78
C21 Y1F C . 11.93 12.07 -6.74
C22 Y1F C . 10.94 10.89 -6.79
C23 Y1F C . 10.89 11.98 -7.88
C25 Y1F C . 8.06 14.11 -4.63
C26 Y1F C . 6.80 14.74 -4.00
C27 Y1F C . 5.60 14.14 -4.77
C28 Y1F C . 4.29 14.74 -4.15
C1 Y1F C . 16.22 15.71 -2.68
C2 Y1F C . 17.37 14.89 -1.98
N3 Y1F C . 15.01 14.86 -3.06
C4 Y1F C . 14.78 13.54 -2.43
C5 Y1F C . 15.54 12.41 -3.21
C6 Y1F C . 17.91 13.74 -2.79
C7 Y1F C . 17.07 12.36 -2.91
C8 Y1F C . 17.30 11.74 -1.52
N9 Y1F C . 18.74 12.12 -1.28
C14 Y1F C . 12.74 14.77 -4.22
O15 Y1F C . 14.11 16.65 -4.00
N18 Y1F C . 10.59 13.42 -5.29
O24 Y1F C . 9.15 14.80 -4.05
O29 Y1F C . 4.22 14.24 -2.80
C30 Y1F C . 5.28 14.67 -1.95
C31 Y1F C . 6.67 14.30 -2.52
C32 Y1F C . 19.60 11.54 -0.37
C33 Y1F C . 19.14 10.53 0.61
O34 Y1F C . 20.80 11.82 -0.41
C35 Y1F C . 18.20 11.04 1.51
C36 Y1F C . 17.70 10.25 2.52
C37 Y1F C . 19.66 9.19 0.62
C38 Y1F C . 19.15 8.39 1.70
C39 Y1F C . 18.19 8.92 2.60
N40 Y1F C . 17.88 7.87 3.51
N41 Y1F C . 18.64 6.80 3.17
N42 Y1F C . 19.40 7.08 2.11
K K D . -2.74 -37.14 -4.31
C ACT E . 9.47 -7.43 10.65
O ACT E . 8.26 -7.68 10.89
OXT ACT E . 10.30 -7.31 11.59
CH3 ACT E . 9.95 -7.27 9.22
ZN ZN F . 17.08 7.64 5.06
NA NA G . 9.37 -25.36 7.97
CA CA H . -1.69 -12.59 -13.07
#